data_6IXM
#
_entry.id   6IXM
#
_cell.length_a   63.891
_cell.length_b   113.980
_cell.length_c   131.819
_cell.angle_alpha   90.00
_cell.angle_beta   90.00
_cell.angle_gamma   90.00
#
_symmetry.space_group_name_H-M   'P 21 21 21'
#
loop_
_entity.id
_entity.type
_entity.pdbx_description
1 polymer 'Short-chain dehydrogenase reductase'
2 non-polymer NICOTINAMIDE-ADENINE-DINUCLEOTIDE
3 water water
#
_entity_poly.entity_id   1
_entity_poly.type   'polypeptide(L)'
_entity_poly.pdbx_seq_one_letter_code
;MGILDNKVALVTGAGSGIGLAVAHSYAKEGAKVIVSDINEDHGNKAVEDIKAQGGEASFVKADTSNPEEVEALVKRTVEI
YGRLDIACNNAGIGGEQALAGDYGLDSWRKVLSINLDGVFYGCKYELEQMEKNGGGVIVNMASIHGIVAAPLSSAYTSAK
HAVVGLTKNIGAEYGQKNIRCNAVGPAYIETPLLESLTKEMKEALISKHPMGRLGKPEEVAELVLFLSSEKSSFMTGGYY
LVDGGYTAV
;
_entity_poly.pdbx_strand_id   A,B,C,D
#
loop_
_chem_comp.id
_chem_comp.type
_chem_comp.name
_chem_comp.formula
NAD non-polymer NICOTINAMIDE-ADENINE-DINUCLEOTIDE 'C21 H27 N7 O14 P2'
#
# COMPACT_ATOMS: atom_id res chain seq x y z
N GLY A 2 -3.00 -33.72 13.47
CA GLY A 2 -2.42 -32.84 12.48
C GLY A 2 -3.47 -31.95 11.83
N ILE A 3 -3.18 -30.65 11.71
CA ILE A 3 -4.19 -29.72 11.24
C ILE A 3 -4.50 -29.87 9.76
N LEU A 4 -3.70 -30.65 9.02
CA LEU A 4 -3.98 -30.94 7.62
C LEU A 4 -4.32 -32.41 7.39
N ASP A 5 -4.77 -33.12 8.44
CA ASP A 5 -5.18 -34.51 8.28
C ASP A 5 -6.21 -34.62 7.15
N ASN A 6 -6.07 -35.65 6.33
CA ASN A 6 -6.94 -35.97 5.20
C ASN A 6 -6.88 -34.93 4.09
N LYS A 7 -5.87 -34.06 4.08
CA LYS A 7 -5.69 -33.14 2.96
C LYS A 7 -4.55 -33.59 2.07
N VAL A 8 -4.63 -33.23 0.80
CA VAL A 8 -3.55 -33.45 -0.16
C VAL A 8 -2.99 -32.10 -0.58
N ALA A 9 -1.67 -31.96 -0.51
CA ALA A 9 -1.00 -30.68 -0.75
C ALA A 9 0.07 -30.83 -1.82
N LEU A 10 0.17 -29.82 -2.69
CA LEU A 10 1.18 -29.77 -3.73
C LEU A 10 2.11 -28.59 -3.44
N VAL A 11 3.42 -28.80 -3.61
CA VAL A 11 4.40 -27.72 -3.46
C VAL A 11 5.33 -27.74 -4.66
N THR A 12 5.43 -26.60 -5.36
CA THR A 12 6.39 -26.50 -6.46
C THR A 12 7.72 -25.94 -5.97
N GLY A 13 8.80 -26.29 -6.67
CA GLY A 13 10.12 -25.91 -6.22
C GLY A 13 10.47 -26.41 -4.84
N ALA A 14 10.03 -27.62 -4.49
CA ALA A 14 10.07 -28.14 -3.13
C ALA A 14 11.36 -28.90 -2.81
N GLY A 15 12.33 -28.91 -3.72
CA GLY A 15 13.57 -29.63 -3.45
C GLY A 15 14.55 -28.88 -2.58
N SER A 16 14.30 -27.61 -2.30
CA SER A 16 15.27 -26.78 -1.58
C SER A 16 14.57 -25.57 -0.99
N GLY A 17 15.24 -24.93 -0.03
CA GLY A 17 14.87 -23.59 0.41
C GLY A 17 13.49 -23.52 1.02
N ILE A 18 12.75 -22.46 0.68
CA ILE A 18 11.43 -22.25 1.27
C ILE A 18 10.49 -23.40 0.92
N GLY A 19 10.54 -23.85 -0.34
CA GLY A 19 9.62 -24.91 -0.77
C GLY A 19 9.83 -26.21 0.00
N LEU A 20 11.08 -26.58 0.22
CA LEU A 20 11.38 -27.76 1.02
C LEU A 20 10.82 -27.62 2.44
N ALA A 21 10.95 -26.42 3.01
CA ALA A 21 10.43 -26.21 4.37
C ALA A 21 8.91 -26.28 4.38
N VAL A 22 8.26 -25.75 3.33
CA VAL A 22 6.80 -25.82 3.25
C VAL A 22 6.36 -27.28 3.14
N ALA A 23 7.06 -28.06 2.31
CA ALA A 23 6.68 -29.46 2.15
C ALA A 23 6.82 -30.20 3.47
N HIS A 24 7.89 -29.93 4.22
CA HIS A 24 8.06 -30.57 5.52
C HIS A 24 6.97 -30.15 6.49
N SER A 25 6.59 -28.87 6.47
CA SER A 25 5.57 -28.38 7.40
C SER A 25 4.22 -28.99 7.09
N TYR A 26 3.86 -29.05 5.81
CA TYR A 26 2.62 -29.69 5.40
C TYR A 26 2.58 -31.14 5.86
N ALA A 27 3.68 -31.87 5.62
CA ALA A 27 3.70 -33.31 5.93
C ALA A 27 3.63 -33.53 7.44
N LYS A 28 4.31 -32.69 8.20
CA LYS A 28 4.30 -32.81 9.66
C LYS A 28 2.89 -32.66 10.20
N GLU A 29 2.05 -31.85 9.56
CA GLU A 29 0.68 -31.64 9.99
C GLU A 29 -0.30 -32.61 9.34
N GLY A 30 0.19 -33.69 8.73
CA GLY A 30 -0.66 -34.77 8.30
C GLY A 30 -1.08 -34.76 6.85
N ALA A 31 -0.63 -33.78 6.06
CA ALA A 31 -1.01 -33.76 4.66
C ALA A 31 -0.24 -34.81 3.88
N LYS A 32 -0.87 -35.32 2.82
CA LYS A 32 -0.17 -36.10 1.81
C LYS A 32 0.40 -35.13 0.80
N VAL A 33 1.72 -35.09 0.67
CA VAL A 33 2.41 -34.00 -0.02
C VAL A 33 2.97 -34.49 -1.34
N ILE A 34 2.62 -33.80 -2.42
CA ILE A 34 3.34 -33.94 -3.67
C ILE A 34 4.47 -32.93 -3.67
N VAL A 35 5.69 -33.44 -3.66
CA VAL A 35 6.89 -32.63 -3.78
C VAL A 35 7.22 -32.54 -5.27
N SER A 36 7.19 -31.32 -5.82
CA SER A 36 7.56 -31.13 -7.21
C SER A 36 8.79 -30.24 -7.28
N ASP A 37 9.63 -30.51 -8.28
CA ASP A 37 10.85 -29.75 -8.54
C ASP A 37 11.33 -30.09 -9.94
N ILE A 38 12.15 -29.22 -10.51
CA ILE A 38 12.81 -29.59 -11.76
C ILE A 38 13.93 -30.58 -11.50
N ASN A 39 14.55 -30.50 -10.33
CA ASN A 39 15.72 -31.31 -9.99
C ASN A 39 15.25 -32.59 -9.31
N GLU A 40 15.38 -33.72 -10.03
CA GLU A 40 14.89 -34.98 -9.48
C GLU A 40 15.71 -35.42 -8.26
N ASP A 41 17.02 -35.16 -8.25
CA ASP A 41 17.81 -35.54 -7.09
C ASP A 41 17.36 -34.79 -5.85
N HIS A 42 17.09 -33.49 -6.00
CA HIS A 42 16.58 -32.69 -4.88
C HIS A 42 15.21 -33.18 -4.45
N GLY A 43 14.33 -33.42 -5.42
CA GLY A 43 12.96 -33.79 -5.09
C GLY A 43 12.85 -35.16 -4.45
N ASN A 44 13.60 -36.15 -4.97
CA ASN A 44 13.52 -37.47 -4.37
C ASN A 44 14.11 -37.46 -2.96
N LYS A 45 15.19 -36.70 -2.75
CA LYS A 45 15.77 -36.56 -1.42
C LYS A 45 14.78 -35.91 -0.46
N ALA A 46 14.05 -34.89 -0.93
CA ALA A 46 13.05 -34.26 -0.07
C ALA A 46 12.00 -35.26 0.38
N VAL A 47 11.54 -36.11 -0.53
CA VAL A 47 10.54 -37.11 -0.21
C VAL A 47 11.10 -38.11 0.80
N GLU A 48 12.34 -38.56 0.55
CA GLU A 48 13.04 -39.45 1.48
C GLU A 48 13.08 -38.85 2.89
N ASP A 49 13.42 -37.57 3.00
CA ASP A 49 13.52 -36.93 4.31
C ASP A 49 12.15 -36.80 4.96
N ILE A 50 11.13 -36.44 4.19
CA ILE A 50 9.79 -36.33 4.73
C ILE A 50 9.32 -37.66 5.31
N LYS A 51 9.53 -38.74 4.56
CA LYS A 51 9.08 -40.04 5.05
C LYS A 51 9.85 -40.48 6.29
N ALA A 52 11.13 -40.10 6.39
CA ALA A 52 11.92 -40.43 7.57
C ALA A 52 11.44 -39.69 8.80
N GLN A 53 10.74 -38.56 8.62
CA GLN A 53 10.13 -37.85 9.74
C GLN A 53 8.73 -38.36 10.07
N GLY A 54 8.26 -39.40 9.37
CA GLY A 54 6.95 -39.97 9.61
C GLY A 54 5.86 -39.47 8.69
N GLY A 55 6.20 -38.66 7.68
CA GLY A 55 5.21 -38.08 6.80
C GLY A 55 4.98 -38.89 5.54
N GLU A 56 4.00 -38.43 4.76
CA GLU A 56 3.59 -39.09 3.52
C GLU A 56 3.84 -38.12 2.36
N ALA A 57 4.62 -38.55 1.38
CA ALA A 57 4.97 -37.68 0.26
C ALA A 57 5.36 -38.51 -0.95
N SER A 58 5.26 -37.88 -2.12
CA SER A 58 5.63 -38.47 -3.40
C SER A 58 6.20 -37.39 -4.30
N PHE A 59 7.18 -37.75 -5.13
CA PHE A 59 7.85 -36.81 -6.02
C PHE A 59 7.24 -36.84 -7.42
N VAL A 60 7.04 -35.64 -7.97
CA VAL A 60 6.62 -35.48 -9.36
C VAL A 60 7.43 -34.35 -9.99
N LYS A 61 8.20 -34.66 -11.03
CA LYS A 61 9.01 -33.66 -11.69
C LYS A 61 8.15 -32.72 -12.54
N ALA A 62 8.46 -31.43 -12.52
CA ALA A 62 7.77 -30.47 -13.37
C ALA A 62 8.56 -29.18 -13.48
N ASP A 63 8.50 -28.60 -14.67
CA ASP A 63 8.98 -27.25 -14.96
C ASP A 63 7.74 -26.37 -15.03
N THR A 64 7.60 -25.43 -14.09
CA THR A 64 6.34 -24.69 -13.98
C THR A 64 6.13 -23.72 -15.13
N SER A 65 7.17 -23.41 -15.91
CA SER A 65 6.99 -22.55 -17.07
C SER A 65 6.32 -23.28 -18.24
N ASN A 66 6.17 -24.60 -18.13
CA ASN A 66 5.56 -25.40 -19.18
C ASN A 66 4.15 -25.75 -18.74
N PRO A 67 3.11 -25.17 -19.34
CA PRO A 67 1.75 -25.40 -18.83
C PRO A 67 1.32 -26.85 -18.92
N GLU A 68 1.75 -27.57 -19.95
CA GLU A 68 1.41 -28.99 -20.04
C GLU A 68 2.00 -29.77 -18.88
N GLU A 69 3.20 -29.41 -18.42
CA GLU A 69 3.76 -30.14 -17.29
C GLU A 69 3.05 -29.79 -15.99
N VAL A 70 2.53 -28.56 -15.87
CA VAL A 70 1.79 -28.19 -14.67
C VAL A 70 0.45 -28.91 -14.66
N GLU A 71 -0.24 -28.96 -15.80
CA GLU A 71 -1.46 -29.74 -15.90
C GLU A 71 -1.20 -31.20 -15.53
N ALA A 72 -0.12 -31.79 -16.05
CA ALA A 72 0.21 -33.17 -15.72
C ALA A 72 0.56 -33.33 -14.25
N LEU A 73 1.18 -32.30 -13.65
CA LEU A 73 1.50 -32.35 -12.23
C LEU A 73 0.24 -32.51 -11.39
N VAL A 74 -0.78 -31.72 -11.70
CA VAL A 74 -2.03 -31.83 -10.94
C VAL A 74 -2.72 -33.15 -11.23
N LYS A 75 -2.70 -33.58 -12.49
CA LYS A 75 -3.29 -34.88 -12.83
C LYS A 75 -2.59 -36.01 -12.07
N ARG A 76 -1.26 -35.96 -12.00
CA ARG A 76 -0.53 -37.02 -11.29
C ARG A 76 -0.80 -36.96 -9.79
N THR A 77 -0.97 -35.76 -9.24
CA THR A 77 -1.34 -35.61 -7.83
C THR A 77 -2.63 -36.36 -7.52
N VAL A 78 -3.63 -36.18 -8.39
CA VAL A 78 -4.91 -36.87 -8.22
C VAL A 78 -4.75 -38.38 -8.41
N GLU A 79 -3.91 -38.79 -9.35
CA GLU A 79 -3.65 -40.22 -9.53
C GLU A 79 -3.02 -40.85 -8.29
N ILE A 80 -2.14 -40.11 -7.62
CA ILE A 80 -1.43 -40.68 -6.48
C ILE A 80 -2.27 -40.62 -5.22
N TYR A 81 -2.91 -39.47 -4.95
CA TYR A 81 -3.58 -39.25 -3.67
C TYR A 81 -5.07 -38.93 -3.76
N GLY A 82 -5.63 -38.80 -4.97
CA GLY A 82 -7.08 -38.83 -5.16
C GLY A 82 -7.78 -37.49 -5.25
N ARG A 83 -7.10 -36.39 -4.95
CA ARG A 83 -7.74 -35.08 -4.79
C ARG A 83 -6.62 -34.06 -4.62
N LEU A 84 -6.99 -32.77 -4.63
CA LEU A 84 -6.04 -31.70 -4.33
C LEU A 84 -6.72 -30.68 -3.43
N ASP A 85 -6.17 -30.46 -2.23
CA ASP A 85 -6.77 -29.54 -1.29
C ASP A 85 -6.01 -28.24 -1.11
N ILE A 86 -4.69 -28.29 -1.25
CA ILE A 86 -3.78 -27.22 -0.89
C ILE A 86 -2.70 -27.15 -1.95
N ALA A 87 -2.34 -25.96 -2.39
CA ALA A 87 -1.21 -25.84 -3.32
C ALA A 87 -0.39 -24.61 -2.97
N CYS A 88 0.92 -24.77 -2.96
CA CYS A 88 1.85 -23.66 -2.75
C CYS A 88 2.69 -23.48 -4.00
N ASN A 89 2.47 -22.38 -4.73
CA ASN A 89 3.19 -22.08 -5.96
C ASN A 89 4.44 -21.31 -5.59
N ASN A 90 5.55 -22.04 -5.44
CA ASN A 90 6.77 -21.51 -4.83
C ASN A 90 7.96 -21.43 -5.77
N ALA A 91 8.04 -22.29 -6.80
CA ALA A 91 9.19 -22.30 -7.70
C ALA A 91 9.42 -20.91 -8.32
N GLY A 92 10.68 -20.46 -8.29
CA GLY A 92 11.00 -19.14 -8.81
C GLY A 92 12.48 -19.04 -9.08
N ILE A 93 12.86 -18.00 -9.85
CA ILE A 93 14.26 -17.71 -10.14
C ILE A 93 14.54 -16.24 -9.91
N GLY A 94 15.82 -15.93 -9.67
CA GLY A 94 16.22 -14.57 -9.38
C GLY A 94 16.39 -13.67 -10.59
N GLY A 95 16.94 -14.20 -11.67
CA GLY A 95 17.10 -13.44 -12.89
C GLY A 95 18.43 -12.72 -13.02
N GLU A 96 18.67 -12.25 -14.25
CA GLU A 96 19.84 -11.43 -14.55
C GLU A 96 19.87 -10.20 -13.63
N GLN A 97 21.08 -9.78 -13.27
CA GLN A 97 21.28 -8.56 -12.50
C GLN A 97 21.78 -7.47 -13.42
N ALA A 98 20.90 -6.55 -13.80
CA ALA A 98 21.23 -5.50 -14.77
C ALA A 98 20.23 -4.37 -14.66
N LEU A 99 20.68 -3.16 -15.03
CA LEU A 99 19.76 -2.02 -15.11
C LEU A 99 18.66 -2.33 -16.12
N ALA A 100 17.46 -1.77 -15.88
CA ALA A 100 16.34 -2.05 -16.78
C ALA A 100 16.71 -1.78 -18.23
N GLY A 101 17.44 -0.68 -18.51
CA GLY A 101 17.78 -0.38 -19.88
C GLY A 101 18.76 -1.37 -20.50
N ASP A 102 19.51 -2.07 -19.66
CA ASP A 102 20.46 -3.07 -20.09
C ASP A 102 19.88 -4.49 -20.03
N TYR A 103 18.63 -4.66 -19.61
CA TYR A 103 18.12 -5.98 -19.29
C TYR A 103 17.91 -6.81 -20.56
N GLY A 104 18.38 -8.06 -20.53
CA GLY A 104 18.25 -8.91 -21.71
C GLY A 104 16.80 -9.26 -21.98
N LEU A 105 16.45 -9.32 -23.27
CA LEU A 105 15.10 -9.75 -23.65
C LEU A 105 14.85 -11.18 -23.20
N ASP A 106 15.81 -12.08 -23.40
CA ASP A 106 15.63 -13.45 -22.96
C ASP A 106 15.56 -13.53 -21.44
N SER A 107 16.37 -12.73 -20.74
CA SER A 107 16.33 -12.71 -19.28
C SER A 107 14.97 -12.27 -18.77
N TRP A 108 14.41 -11.22 -19.37
CA TRP A 108 13.08 -10.75 -18.98
C TRP A 108 12.04 -11.86 -19.17
N ARG A 109 11.98 -12.40 -20.39
CA ARG A 109 11.04 -13.47 -20.70
C ARG A 109 11.17 -14.64 -19.73
N LYS A 110 12.40 -15.05 -19.44
CA LYS A 110 12.63 -16.21 -18.59
C LYS A 110 12.07 -15.98 -17.19
N VAL A 111 12.37 -14.83 -16.60
CA VAL A 111 11.91 -14.56 -15.23
C VAL A 111 10.40 -14.51 -15.20
N LEU A 112 9.79 -13.83 -16.16
CA LEU A 112 8.34 -13.73 -16.16
C LEU A 112 7.70 -15.08 -16.44
N SER A 113 8.34 -15.93 -17.26
CA SER A 113 7.72 -17.21 -17.58
C SER A 113 7.66 -18.12 -16.35
N ILE A 114 8.67 -18.06 -15.49
CA ILE A 114 8.66 -18.89 -14.28
C ILE A 114 7.91 -18.20 -13.15
N ASN A 115 8.28 -16.96 -12.85
CA ASN A 115 7.82 -16.32 -11.63
C ASN A 115 6.40 -15.79 -11.74
N LEU A 116 5.90 -15.54 -12.95
CA LEU A 116 4.51 -15.16 -13.15
C LEU A 116 3.74 -16.25 -13.88
N ASP A 117 4.11 -16.59 -15.11
CA ASP A 117 3.29 -17.53 -15.88
C ASP A 117 3.18 -18.88 -15.17
N GLY A 118 4.28 -19.35 -14.59
CA GLY A 118 4.24 -20.62 -13.87
C GLY A 118 3.32 -20.60 -12.68
N VAL A 119 3.23 -19.46 -12.01
CA VAL A 119 2.28 -19.33 -10.91
C VAL A 119 0.85 -19.33 -11.45
N PHE A 120 0.63 -18.63 -12.56
CA PHE A 120 -0.69 -18.64 -13.18
C PHE A 120 -1.07 -20.04 -13.63
N TYR A 121 -0.17 -20.75 -14.32
CA TYR A 121 -0.46 -22.11 -14.74
C TYR A 121 -0.81 -22.99 -13.54
N GLY A 122 -0.02 -22.89 -12.46
CA GLY A 122 -0.35 -23.61 -11.25
C GLY A 122 -1.74 -23.30 -10.76
N CYS A 123 -2.06 -22.02 -10.59
CA CYS A 123 -3.38 -21.64 -10.12
C CYS A 123 -4.47 -22.17 -11.05
N LYS A 124 -4.27 -22.06 -12.36
CA LYS A 124 -5.28 -22.51 -13.31
C LYS A 124 -5.61 -23.98 -13.09
N TYR A 125 -4.59 -24.85 -13.09
CA TYR A 125 -4.91 -26.27 -13.00
C TYR A 125 -5.22 -26.69 -11.58
N GLU A 126 -4.70 -25.98 -10.57
CA GLU A 126 -5.09 -26.23 -9.20
C GLU A 126 -6.56 -25.90 -8.99
N LEU A 127 -6.99 -24.70 -9.43
CA LEU A 127 -8.38 -24.31 -9.32
C LEU A 127 -9.29 -25.31 -10.02
N GLU A 128 -8.87 -25.80 -11.20
CA GLU A 128 -9.69 -26.77 -11.92
C GLU A 128 -9.95 -28.01 -11.07
N GLN A 129 -8.92 -28.53 -10.42
CA GLN A 129 -9.13 -29.72 -9.59
C GLN A 129 -9.88 -29.36 -8.31
N MET A 130 -9.57 -28.21 -7.71
CA MET A 130 -10.26 -27.84 -6.47
C MET A 130 -11.76 -27.73 -6.69
N GLU A 131 -12.18 -27.22 -7.86
CA GLU A 131 -13.60 -27.18 -8.17
C GLU A 131 -14.19 -28.59 -8.23
N LYS A 132 -13.39 -29.58 -8.59
CA LYS A 132 -13.90 -30.96 -8.68
C LYS A 132 -14.02 -31.62 -7.31
N ASN A 133 -13.24 -31.22 -6.31
CA ASN A 133 -13.33 -31.85 -5.00
C ASN A 133 -13.71 -30.85 -3.90
N GLY A 134 -14.60 -29.91 -4.24
CA GLY A 134 -15.32 -29.13 -3.25
C GLY A 134 -14.62 -27.89 -2.73
N GLY A 135 -13.47 -27.54 -3.27
CA GLY A 135 -12.78 -26.32 -2.89
C GLY A 135 -11.34 -26.60 -2.51
N GLY A 136 -10.70 -25.61 -1.90
CA GLY A 136 -9.30 -25.74 -1.54
C GLY A 136 -8.67 -24.40 -1.23
N VAL A 137 -7.36 -24.42 -1.03
CA VAL A 137 -6.63 -23.21 -0.63
C VAL A 137 -5.32 -23.17 -1.41
N ILE A 138 -5.00 -21.99 -1.96
CA ILE A 138 -3.75 -21.77 -2.67
C ILE A 138 -2.93 -20.72 -1.93
N VAL A 139 -1.63 -20.94 -1.83
CA VAL A 139 -0.70 -19.91 -1.38
C VAL A 139 0.29 -19.64 -2.50
N ASN A 140 0.39 -18.39 -2.92
CA ASN A 140 1.34 -17.97 -3.94
C ASN A 140 2.54 -17.36 -3.28
N MET A 141 3.73 -17.82 -3.65
CA MET A 141 4.96 -17.23 -3.12
C MET A 141 5.26 -15.96 -3.90
N ALA A 142 5.12 -14.83 -3.23
CA ALA A 142 5.55 -13.56 -3.80
C ALA A 142 6.91 -13.22 -3.17
N SER A 143 7.09 -12.06 -2.57
CA SER A 143 8.37 -11.54 -2.12
C SER A 143 8.04 -10.16 -1.56
N ILE A 144 8.96 -9.62 -0.75
CA ILE A 144 8.90 -8.18 -0.48
C ILE A 144 8.87 -7.41 -1.78
N HIS A 145 9.41 -7.98 -2.85
CA HIS A 145 9.48 -7.27 -4.12
C HIS A 145 8.20 -7.38 -4.93
N GLY A 146 7.16 -7.94 -4.33
CA GLY A 146 5.80 -7.68 -4.78
C GLY A 146 5.27 -6.31 -4.38
N ILE A 147 5.96 -5.58 -3.50
CA ILE A 147 5.50 -4.24 -3.13
C ILE A 147 6.61 -3.19 -3.12
N VAL A 148 7.90 -3.58 -3.14
CA VAL A 148 8.99 -2.60 -3.24
C VAL A 148 10.03 -3.08 -4.25
N ALA A 149 10.80 -2.13 -4.75
CA ALA A 149 11.77 -2.39 -5.81
C ALA A 149 12.94 -3.23 -5.34
N ALA A 150 13.52 -3.96 -6.29
CA ALA A 150 14.80 -4.65 -6.11
C ALA A 150 15.72 -4.13 -7.22
N PRO A 151 16.48 -3.06 -6.98
CA PRO A 151 17.31 -2.50 -8.06
C PRO A 151 18.23 -3.55 -8.68
N LEU A 152 18.26 -3.55 -10.02
CA LEU A 152 18.96 -4.47 -10.92
C LEU A 152 18.16 -5.75 -11.15
N SER A 153 16.99 -5.89 -10.53
CA SER A 153 16.14 -7.05 -10.74
C SER A 153 14.72 -6.63 -11.15
N SER A 154 14.60 -5.85 -12.23
CA SER A 154 13.30 -5.32 -12.62
C SER A 154 12.33 -6.43 -13.04
N ALA A 155 12.82 -7.49 -13.69
CA ALA A 155 11.91 -8.57 -14.09
C ALA A 155 11.36 -9.28 -12.86
N TYR A 156 12.21 -9.54 -11.87
CA TYR A 156 11.76 -10.19 -10.65
C TYR A 156 10.68 -9.35 -9.96
N THR A 157 10.94 -8.05 -9.80
CA THR A 157 9.98 -7.16 -9.15
C THR A 157 8.66 -7.12 -9.92
N SER A 158 8.74 -6.99 -11.25
CA SER A 158 7.53 -7.00 -12.07
C SER A 158 6.74 -8.28 -11.86
N ALA A 159 7.42 -9.43 -11.98
CA ALA A 159 6.74 -10.70 -11.82
C ALA A 159 6.10 -10.84 -10.44
N LYS A 160 6.81 -10.43 -9.38
CA LYS A 160 6.27 -10.64 -8.04
C LYS A 160 5.11 -9.70 -7.74
N HIS A 161 5.18 -8.46 -8.25
CA HIS A 161 4.02 -7.57 -8.22
C HIS A 161 2.84 -8.22 -8.92
N ALA A 162 3.07 -8.83 -10.09
CA ALA A 162 2.01 -9.50 -10.83
C ALA A 162 1.36 -10.61 -10.01
N VAL A 163 2.17 -11.34 -9.23
CA VAL A 163 1.63 -12.43 -8.40
C VAL A 163 0.70 -11.87 -7.34
N VAL A 164 1.05 -10.72 -6.76
CA VAL A 164 0.15 -10.08 -5.80
C VAL A 164 -1.19 -9.75 -6.46
N GLY A 165 -1.15 -9.20 -7.68
CA GLY A 165 -2.39 -8.87 -8.38
C GLY A 165 -3.22 -10.10 -8.73
N LEU A 166 -2.55 -11.16 -9.21
CA LEU A 166 -3.24 -12.40 -9.53
C LEU A 166 -3.93 -12.96 -8.29
N THR A 167 -3.24 -12.88 -7.15
CA THR A 167 -3.79 -13.38 -5.89
C THR A 167 -5.04 -12.60 -5.47
N LYS A 168 -5.01 -11.26 -5.58
CA LYS A 168 -6.21 -10.48 -5.30
C LYS A 168 -7.36 -10.92 -6.21
N ASN A 169 -7.07 -11.13 -7.49
CA ASN A 169 -8.11 -11.52 -8.43
C ASN A 169 -8.70 -12.88 -8.08
N ILE A 170 -7.85 -13.87 -7.78
CA ILE A 170 -8.39 -15.20 -7.48
C ILE A 170 -9.19 -15.17 -6.19
N GLY A 171 -8.66 -14.50 -5.17
CA GLY A 171 -9.40 -14.39 -3.92
C GLY A 171 -10.77 -13.78 -4.12
N ALA A 172 -10.84 -12.68 -4.88
CA ALA A 172 -12.13 -12.01 -5.10
C ALA A 172 -13.06 -12.88 -5.93
N GLU A 173 -12.54 -13.53 -6.97
CA GLU A 173 -13.39 -14.29 -7.88
C GLU A 173 -13.95 -15.55 -7.25
N TYR A 174 -13.20 -16.19 -6.36
CA TYR A 174 -13.56 -17.51 -5.83
C TYR A 174 -14.04 -17.45 -4.39
N GLY A 175 -14.35 -16.24 -3.89
CA GLY A 175 -14.71 -16.08 -2.50
C GLY A 175 -15.91 -16.92 -2.07
N GLN A 176 -16.86 -17.15 -2.97
CA GLN A 176 -18.04 -17.93 -2.64
C GLN A 176 -18.00 -19.34 -3.24
N LYS A 177 -16.82 -19.81 -3.61
CA LYS A 177 -16.64 -21.14 -4.17
C LYS A 177 -15.79 -22.04 -3.27
N ASN A 178 -15.70 -21.73 -1.97
CA ASN A 178 -14.93 -22.51 -1.00
C ASN A 178 -13.48 -22.64 -1.41
N ILE A 179 -12.94 -21.62 -2.06
CA ILE A 179 -11.52 -21.56 -2.40
C ILE A 179 -10.97 -20.25 -1.85
N ARG A 180 -9.79 -20.32 -1.23
CA ARG A 180 -9.10 -19.12 -0.80
C ARG A 180 -7.75 -19.07 -1.48
N CYS A 181 -7.22 -17.85 -1.66
CA CYS A 181 -5.92 -17.66 -2.29
C CYS A 181 -5.24 -16.45 -1.66
N ASN A 182 -4.01 -16.63 -1.17
CA ASN A 182 -3.26 -15.55 -0.54
C ASN A 182 -1.81 -15.64 -0.99
N ALA A 183 -1.09 -14.54 -0.79
CA ALA A 183 0.31 -14.45 -1.18
C ALA A 183 1.17 -14.15 0.04
N VAL A 184 2.36 -14.74 0.06
CA VAL A 184 3.34 -14.55 1.12
C VAL A 184 4.49 -13.74 0.55
N GLY A 185 4.96 -12.77 1.33
CA GLY A 185 6.05 -11.91 0.91
C GLY A 185 7.26 -11.99 1.82
N PRO A 186 8.14 -12.96 1.59
CA PRO A 186 9.38 -13.01 2.38
C PRO A 186 10.37 -11.94 1.97
N ALA A 187 11.15 -11.51 2.97
CA ALA A 187 12.36 -10.74 2.68
C ALA A 187 13.48 -11.72 2.35
N TYR A 188 14.72 -11.41 2.71
CA TYR A 188 15.82 -12.28 2.33
C TYR A 188 15.96 -13.39 3.36
N ILE A 189 16.09 -14.62 2.87
CA ILE A 189 16.02 -15.84 3.67
C ILE A 189 17.37 -16.54 3.54
N GLU A 190 17.92 -16.99 4.67
CA GLU A 190 19.20 -17.68 4.66
C GLU A 190 19.04 -19.06 4.03
N THR A 191 19.58 -19.23 2.83
CA THR A 191 19.64 -20.52 2.14
C THR A 191 20.99 -20.60 1.42
N PRO A 192 21.39 -21.76 0.90
CA PRO A 192 22.63 -21.82 0.12
C PRO A 192 22.68 -20.83 -1.04
N LEU A 193 21.52 -20.35 -1.52
CA LEU A 193 21.51 -19.35 -2.59
C LEU A 193 22.35 -18.13 -2.23
N LEU A 194 22.45 -17.79 -0.95
CA LEU A 194 23.14 -16.55 -0.55
C LEU A 194 24.62 -16.76 -0.28
N GLU A 195 25.14 -17.97 -0.48
CA GLU A 195 26.55 -18.20 -0.19
C GLU A 195 27.47 -17.55 -1.21
N SER A 196 26.93 -17.03 -2.33
CA SER A 196 27.73 -16.30 -3.30
C SER A 196 27.99 -14.85 -2.88
N LEU A 197 27.44 -14.39 -1.76
CA LEU A 197 27.67 -13.02 -1.29
C LEU A 197 28.83 -12.99 -0.32
N THR A 198 29.60 -11.90 -0.37
CA THR A 198 30.73 -11.76 0.53
C THR A 198 30.27 -11.37 1.93
N LYS A 199 31.19 -11.48 2.89
CA LYS A 199 30.95 -10.99 4.24
C LYS A 199 30.37 -9.57 4.21
N GLU A 200 30.90 -8.73 3.33
CA GLU A 200 30.47 -7.34 3.27
C GLU A 200 29.06 -7.24 2.68
N MET A 201 28.81 -7.91 1.57
CA MET A 201 27.50 -7.82 0.91
C MET A 201 26.39 -8.32 1.82
N LYS A 202 26.64 -9.38 2.59
CA LYS A 202 25.59 -9.93 3.42
C LYS A 202 25.32 -9.03 4.62
N GLU A 203 26.37 -8.43 5.19
CA GLU A 203 26.17 -7.42 6.21
C GLU A 203 25.32 -6.28 5.70
N ALA A 204 25.59 -5.82 4.47
CA ALA A 204 24.77 -4.76 3.88
C ALA A 204 23.33 -5.20 3.71
N LEU A 205 23.11 -6.46 3.30
CA LEU A 205 21.75 -6.98 3.15
C LEU A 205 21.04 -7.08 4.48
N ILE A 206 21.73 -7.58 5.51
CA ILE A 206 21.15 -7.67 6.84
C ILE A 206 20.79 -6.28 7.37
N SER A 207 21.56 -5.26 7.02
CA SER A 207 21.28 -3.92 7.52
C SER A 207 19.97 -3.35 6.97
N LYS A 208 19.43 -3.92 5.90
CA LYS A 208 18.12 -3.52 5.40
C LYS A 208 16.98 -4.24 6.10
N HIS A 209 17.26 -5.15 7.04
CA HIS A 209 16.21 -5.81 7.82
C HIS A 209 16.25 -5.29 9.25
N PRO A 210 15.24 -4.57 9.71
CA PRO A 210 15.24 -4.08 11.09
C PRO A 210 15.45 -5.14 12.17
N MET A 211 15.07 -6.40 11.92
CA MET A 211 15.31 -7.43 12.93
C MET A 211 16.78 -7.83 13.03
N GLY A 212 17.66 -7.30 12.18
CA GLY A 212 19.10 -7.50 12.35
C GLY A 212 19.62 -8.85 11.93
N ARG A 213 18.86 -9.60 11.13
CA ARG A 213 19.23 -10.91 10.65
C ARG A 213 18.36 -11.23 9.45
N LEU A 214 18.77 -12.24 8.70
CA LEU A 214 17.93 -12.76 7.65
C LEU A 214 16.97 -13.79 8.21
N GLY A 215 15.93 -14.10 7.44
CA GLY A 215 14.96 -15.08 7.86
C GLY A 215 15.41 -16.50 7.61
N LYS A 216 14.73 -17.45 8.26
CA LYS A 216 14.97 -18.86 8.01
C LYS A 216 13.83 -19.42 7.18
N PRO A 217 14.08 -20.44 6.33
CA PRO A 217 12.98 -21.00 5.52
C PRO A 217 11.81 -21.49 6.36
N GLU A 218 12.08 -22.05 7.54
CA GLU A 218 11.02 -22.52 8.42
C GLU A 218 10.12 -21.38 8.87
N GLU A 219 10.65 -20.17 8.99
CA GLU A 219 9.82 -19.04 9.40
C GLU A 219 8.85 -18.65 8.32
N VAL A 220 9.26 -18.80 7.06
CA VAL A 220 8.32 -18.60 5.96
C VAL A 220 7.29 -19.72 5.95
N ALA A 221 7.74 -20.96 6.11
CA ALA A 221 6.83 -22.10 6.06
C ALA A 221 5.74 -22.00 7.11
N GLU A 222 6.04 -21.44 8.29
CA GLU A 222 4.99 -21.33 9.31
C GLU A 222 3.83 -20.46 8.82
N LEU A 223 4.13 -19.34 8.16
CA LEU A 223 3.07 -18.50 7.62
C LEU A 223 2.33 -19.21 6.49
N VAL A 224 3.07 -19.91 5.61
CA VAL A 224 2.41 -20.67 4.54
C VAL A 224 1.46 -21.71 5.14
N LEU A 225 1.92 -22.43 6.17
CA LEU A 225 1.06 -23.42 6.81
C LEU A 225 -0.20 -22.79 7.37
N PHE A 226 -0.05 -21.67 8.07
CA PHE A 226 -1.22 -20.99 8.64
C PHE A 226 -2.21 -20.62 7.55
N LEU A 227 -1.72 -20.03 6.45
CA LEU A 227 -2.59 -19.60 5.36
C LEU A 227 -3.15 -20.76 4.57
N SER A 228 -2.60 -21.97 4.74
CA SER A 228 -3.09 -23.16 4.06
C SER A 228 -4.13 -23.91 4.88
N SER A 229 -4.26 -23.58 6.16
CA SER A 229 -5.07 -24.31 7.12
C SER A 229 -6.42 -23.64 7.32
N GLU A 230 -7.32 -24.34 8.03
CA GLU A 230 -8.61 -23.75 8.31
C GLU A 230 -8.52 -22.61 9.31
N LYS A 231 -7.37 -22.41 9.97
CA LYS A 231 -7.23 -21.31 10.91
C LYS A 231 -7.39 -19.97 10.23
N SER A 232 -7.03 -19.89 8.94
CA SER A 232 -7.10 -18.64 8.18
C SER A 232 -8.40 -18.54 7.39
N SER A 233 -9.50 -19.09 7.91
CA SER A 233 -10.73 -19.26 7.15
C SER A 233 -11.35 -17.98 6.62
N PHE A 234 -11.05 -16.80 7.20
CA PHE A 234 -11.62 -15.56 6.66
C PHE A 234 -10.58 -14.72 5.94
N MET A 235 -9.49 -15.34 5.50
CA MET A 235 -8.39 -14.61 4.87
C MET A 235 -8.29 -15.05 3.40
N THR A 236 -8.53 -14.11 2.48
CA THR A 236 -8.39 -14.42 1.08
C THR A 236 -8.05 -13.15 0.31
N GLY A 237 -7.34 -13.33 -0.80
CA GLY A 237 -6.92 -12.23 -1.64
C GLY A 237 -5.82 -11.38 -1.07
N GLY A 238 -5.25 -11.75 0.07
CA GLY A 238 -4.37 -10.88 0.80
C GLY A 238 -2.90 -11.16 0.57
N TYR A 239 -2.09 -10.17 0.93
CA TYR A 239 -0.63 -10.27 0.85
C TYR A 239 -0.08 -10.18 2.26
N TYR A 240 0.77 -11.14 2.61
CA TYR A 240 1.18 -11.34 4.00
C TYR A 240 2.71 -11.35 4.08
N LEU A 241 3.26 -10.30 4.68
CA LEU A 241 4.72 -10.17 4.81
C LEU A 241 5.32 -11.12 5.83
N VAL A 242 6.51 -11.63 5.53
CA VAL A 242 7.35 -12.25 6.54
C VAL A 242 8.74 -11.70 6.25
N ASP A 243 9.00 -10.46 6.72
CA ASP A 243 10.06 -9.65 6.16
C ASP A 243 11.01 -9.05 7.19
N GLY A 244 10.89 -9.44 8.46
CA GLY A 244 11.79 -8.89 9.47
C GLY A 244 11.79 -7.39 9.54
N GLY A 245 10.70 -6.75 9.11
CA GLY A 245 10.57 -5.30 9.12
C GLY A 245 11.05 -4.58 7.87
N TYR A 246 11.51 -5.30 6.84
CA TYR A 246 12.12 -4.67 5.67
C TYR A 246 11.25 -3.56 5.08
N THR A 247 9.96 -3.82 4.90
CA THR A 247 9.10 -2.85 4.22
C THR A 247 8.44 -1.88 5.19
N ALA A 248 8.74 -1.99 6.48
CA ALA A 248 8.17 -1.04 7.43
C ALA A 248 8.77 0.34 7.29
N VAL A 249 9.95 0.45 6.68
CA VAL A 249 10.67 1.72 6.57
C VAL A 249 10.79 2.14 5.11
N GLY B 2 5.19 27.03 -24.11
CA GLY B 2 4.68 25.75 -23.63
C GLY B 2 5.66 25.07 -22.70
N ILE B 3 5.14 24.31 -21.73
CA ILE B 3 6.01 23.75 -20.70
C ILE B 3 6.84 22.59 -21.20
N LEU B 4 6.61 22.12 -22.43
CA LEU B 4 7.41 21.06 -23.04
C LEU B 4 8.14 21.58 -24.28
N ASP B 5 8.37 22.89 -24.36
CA ASP B 5 8.95 23.48 -25.55
C ASP B 5 10.26 22.80 -25.94
N ASN B 6 10.34 22.40 -27.22
CA ASN B 6 11.51 21.77 -27.83
C ASN B 6 11.89 20.46 -27.14
N LYS B 7 10.95 19.82 -26.45
CA LYS B 7 11.13 18.44 -26.03
C LYS B 7 10.57 17.53 -27.11
N VAL B 8 11.14 16.33 -27.22
CA VAL B 8 10.63 15.30 -28.12
C VAL B 8 9.93 14.25 -27.28
N ALA B 9 8.67 13.96 -27.60
CA ALA B 9 7.86 13.04 -26.80
C ALA B 9 7.33 11.91 -27.67
N LEU B 10 7.37 10.71 -27.12
CA LEU B 10 6.84 9.50 -27.77
C LEU B 10 5.62 9.02 -26.99
N VAL B 11 4.55 8.66 -27.70
CA VAL B 11 3.34 8.13 -27.08
C VAL B 11 2.93 6.87 -27.82
N THR B 12 2.83 5.74 -27.13
CA THR B 12 2.32 4.54 -27.77
C THR B 12 0.80 4.47 -27.60
N GLY B 13 0.16 3.73 -28.53
CA GLY B 13 -1.28 3.65 -28.51
C GLY B 13 -1.95 5.00 -28.64
N ALA B 14 -1.36 5.90 -29.42
CA ALA B 14 -1.77 7.29 -29.45
C ALA B 14 -2.88 7.56 -30.46
N GLY B 15 -3.45 6.52 -31.06
CA GLY B 15 -4.50 6.71 -32.04
C GLY B 15 -5.88 6.90 -31.46
N SER B 16 -6.06 6.68 -30.17
CA SER B 16 -7.39 6.77 -29.57
C SER B 16 -7.27 6.92 -28.06
N GLY B 17 -8.40 7.30 -27.45
CA GLY B 17 -8.52 7.27 -26.00
C GLY B 17 -7.48 8.09 -25.26
N ILE B 18 -6.93 7.48 -24.21
CA ILE B 18 -5.98 8.19 -23.34
C ILE B 18 -4.73 8.59 -24.11
N GLY B 19 -4.21 7.67 -24.93
CA GLY B 19 -3.00 7.97 -25.67
C GLY B 19 -3.17 9.13 -26.62
N LEU B 20 -4.33 9.19 -27.30
CA LEU B 20 -4.62 10.32 -28.16
C LEU B 20 -4.69 11.63 -27.36
N ALA B 21 -5.33 11.60 -26.19
CA ALA B 21 -5.38 12.81 -25.37
C ALA B 21 -4.00 13.21 -24.86
N VAL B 22 -3.15 12.22 -24.54
CA VAL B 22 -1.79 12.52 -24.11
C VAL B 22 -1.01 13.16 -25.24
N ALA B 23 -1.13 12.61 -26.46
CA ALA B 23 -0.39 13.19 -27.59
C ALA B 23 -0.82 14.62 -27.85
N HIS B 24 -2.13 14.89 -27.81
CA HIS B 24 -2.63 16.24 -27.97
C HIS B 24 -2.08 17.17 -26.90
N SER B 25 -2.10 16.72 -25.65
CA SER B 25 -1.62 17.56 -24.54
C SER B 25 -0.14 17.87 -24.68
N TYR B 26 0.66 16.86 -25.02
CA TYR B 26 2.09 17.07 -25.24
C TYR B 26 2.32 18.11 -26.34
N ALA B 27 1.60 17.97 -27.45
CA ALA B 27 1.81 18.87 -28.59
C ALA B 27 1.36 20.29 -28.28
N LYS B 28 0.24 20.42 -27.56
CA LYS B 28 -0.22 21.75 -27.18
C LYS B 28 0.83 22.47 -26.34
N GLU B 29 1.59 21.73 -25.54
CA GLU B 29 2.60 22.34 -24.69
C GLU B 29 3.95 22.46 -25.40
N GLY B 30 3.99 22.25 -26.73
CA GLY B 30 5.16 22.56 -27.52
C GLY B 30 6.08 21.39 -27.83
N ALA B 31 5.75 20.18 -27.40
CA ALA B 31 6.62 19.05 -27.70
C ALA B 31 6.47 18.65 -29.16
N LYS B 32 7.55 18.13 -29.73
CA LYS B 32 7.47 17.41 -30.98
C LYS B 32 7.10 15.96 -30.66
N VAL B 33 5.95 15.51 -31.15
CA VAL B 33 5.34 14.26 -30.69
C VAL B 33 5.43 13.18 -31.76
N ILE B 34 5.97 12.02 -31.40
CA ILE B 34 5.83 10.82 -32.21
C ILE B 34 4.56 10.12 -31.75
N VAL B 35 3.54 10.14 -32.61
CA VAL B 35 2.33 9.36 -32.42
C VAL B 35 2.61 7.95 -32.91
N SER B 36 2.53 6.97 -32.02
CA SER B 36 2.68 5.58 -32.41
C SER B 36 1.40 4.83 -32.10
N ASP B 37 1.03 3.94 -33.01
CA ASP B 37 -0.13 3.08 -32.84
C ASP B 37 0.07 1.88 -33.74
N ILE B 38 -0.62 0.79 -33.41
CA ILE B 38 -0.60 -0.37 -34.29
C ILE B 38 -1.49 -0.15 -35.51
N ASN B 39 -2.42 0.80 -35.43
CA ASN B 39 -3.37 1.10 -36.49
C ASN B 39 -2.92 2.38 -37.20
N GLU B 40 -2.49 2.23 -38.46
CA GLU B 40 -1.96 3.35 -39.24
C GLU B 40 -3.01 4.43 -39.47
N ASP B 41 -4.26 4.03 -39.74
CA ASP B 41 -5.31 5.00 -40.01
C ASP B 41 -5.55 5.89 -38.80
N HIS B 42 -5.66 5.28 -37.61
CA HIS B 42 -5.89 6.08 -36.41
C HIS B 42 -4.69 6.97 -36.10
N GLY B 43 -3.48 6.45 -36.29
CA GLY B 43 -2.30 7.26 -36.01
C GLY B 43 -2.13 8.43 -36.95
N ASN B 44 -2.35 8.21 -38.26
CA ASN B 44 -2.25 9.32 -39.20
C ASN B 44 -3.33 10.37 -38.94
N LYS B 45 -4.54 9.94 -38.59
CA LYS B 45 -5.59 10.88 -38.24
C LYS B 45 -5.23 11.68 -37.00
N ALA B 46 -4.62 11.01 -36.01
CA ALA B 46 -4.19 11.72 -34.82
C ALA B 46 -3.17 12.80 -35.16
N VAL B 47 -2.20 12.47 -36.03
CA VAL B 47 -1.20 13.46 -36.43
C VAL B 47 -1.84 14.63 -37.15
N GLU B 48 -2.79 14.35 -38.04
CA GLU B 48 -3.43 15.43 -38.77
C GLU B 48 -4.23 16.33 -37.83
N ASP B 49 -4.95 15.74 -36.88
CA ASP B 49 -5.69 16.54 -35.91
C ASP B 49 -4.74 17.38 -35.04
N ILE B 50 -3.60 16.81 -34.66
CA ILE B 50 -2.63 17.56 -33.85
C ILE B 50 -2.09 18.75 -34.64
N LYS B 51 -1.70 18.54 -35.90
CA LYS B 51 -1.18 19.63 -36.70
C LYS B 51 -2.25 20.68 -36.95
N ALA B 52 -3.49 20.24 -37.15
CA ALA B 52 -4.61 21.17 -37.27
C ALA B 52 -4.72 22.08 -36.06
N GLN B 53 -4.26 21.62 -34.89
CA GLN B 53 -4.31 22.43 -33.68
C GLN B 53 -3.06 23.28 -33.48
N GLY B 54 -2.11 23.24 -34.41
CA GLY B 54 -0.91 24.04 -34.33
C GLY B 54 0.32 23.34 -33.80
N GLY B 55 0.25 22.02 -33.56
CA GLY B 55 1.34 21.28 -32.98
C GLY B 55 2.16 20.52 -34.02
N GLU B 56 3.27 19.95 -33.55
CA GLU B 56 4.20 19.20 -34.40
C GLU B 56 4.14 17.74 -34.01
N ALA B 57 3.82 16.89 -34.97
CA ALA B 57 3.70 15.46 -34.72
C ALA B 57 4.04 14.67 -35.98
N SER B 58 4.49 13.43 -35.79
CA SER B 58 4.70 12.50 -36.88
C SER B 58 4.28 11.11 -36.43
N PHE B 59 3.87 10.29 -37.39
CA PHE B 59 3.39 8.94 -37.09
C PHE B 59 4.47 7.89 -37.34
N VAL B 60 4.60 6.95 -36.39
CA VAL B 60 5.44 5.76 -36.56
C VAL B 60 4.65 4.56 -36.08
N LYS B 61 4.39 3.61 -36.97
CA LYS B 61 3.65 2.41 -36.61
C LYS B 61 4.51 1.47 -35.78
N ALA B 62 3.91 0.84 -34.78
CA ALA B 62 4.58 -0.20 -34.02
C ALA B 62 3.57 -1.07 -33.29
N ASP B 63 3.89 -2.36 -33.23
CA ASP B 63 3.22 -3.31 -32.34
C ASP B 63 4.13 -3.46 -31.13
N THR B 64 3.67 -2.97 -29.96
CA THR B 64 4.54 -2.94 -28.80
C THR B 64 4.86 -4.33 -28.25
N SER B 65 4.11 -5.34 -28.66
CA SER B 65 4.41 -6.72 -28.29
C SER B 65 5.65 -7.27 -28.99
N ASN B 66 6.13 -6.60 -30.04
CA ASN B 66 7.30 -7.02 -30.81
C ASN B 66 8.49 -6.15 -30.39
N PRO B 67 9.48 -6.69 -29.68
CA PRO B 67 10.55 -5.82 -29.17
C PRO B 67 11.35 -5.17 -30.28
N GLU B 68 11.49 -5.84 -31.44
CA GLU B 68 12.21 -5.24 -32.55
C GLU B 68 11.48 -3.99 -33.08
N GLU B 69 10.15 -4.01 -33.06
CA GLU B 69 9.42 -2.84 -33.53
C GLU B 69 9.51 -1.69 -32.54
N VAL B 70 9.63 -1.99 -31.25
CA VAL B 70 9.77 -0.92 -30.26
C VAL B 70 11.15 -0.30 -30.34
N GLU B 71 12.19 -1.12 -30.49
CA GLU B 71 13.53 -0.60 -30.72
C GLU B 71 13.55 0.27 -31.97
N ALA B 72 12.90 -0.18 -33.05
CA ALA B 72 12.83 0.61 -34.27
C ALA B 72 12.04 1.90 -34.05
N LEU B 73 11.02 1.84 -33.21
CA LEU B 73 10.23 3.04 -32.92
C LEU B 73 11.09 4.12 -32.30
N VAL B 74 11.94 3.76 -31.33
CA VAL B 74 12.83 4.75 -30.74
C VAL B 74 13.85 5.24 -31.76
N LYS B 75 14.39 4.33 -32.57
CA LYS B 75 15.31 4.74 -33.64
C LYS B 75 14.66 5.75 -34.58
N ARG B 76 13.40 5.50 -34.99
CA ARG B 76 12.71 6.42 -35.89
C ARG B 76 12.44 7.75 -35.22
N THR B 77 12.11 7.74 -33.92
CA THR B 77 11.94 8.98 -33.18
C THR B 77 13.19 9.85 -33.29
N VAL B 78 14.37 9.23 -33.16
CA VAL B 78 15.60 9.98 -33.24
C VAL B 78 15.87 10.41 -34.68
N GLU B 79 15.50 9.59 -35.65
CA GLU B 79 15.68 9.98 -37.05
C GLU B 79 14.83 11.19 -37.41
N ILE B 80 13.64 11.30 -36.82
CA ILE B 80 12.70 12.34 -37.18
C ILE B 80 12.96 13.62 -36.38
N TYR B 81 13.18 13.51 -35.07
CA TYR B 81 13.25 14.67 -34.21
C TYR B 81 14.56 14.81 -33.45
N GLY B 82 15.48 13.84 -33.57
CA GLY B 82 16.86 14.03 -33.13
C GLY B 82 17.21 13.52 -31.75
N ARG B 83 16.22 13.14 -30.94
CA ARG B 83 16.45 12.84 -29.54
C ARG B 83 15.13 12.30 -28.98
N LEU B 84 15.16 11.91 -27.70
CA LEU B 84 13.95 11.47 -27.00
C LEU B 84 14.00 11.99 -25.58
N ASP B 85 13.06 12.87 -25.24
CA ASP B 85 13.02 13.47 -23.90
C ASP B 85 11.95 12.88 -23.00
N ILE B 86 10.85 12.42 -23.59
CA ILE B 86 9.64 12.04 -22.85
C ILE B 86 9.04 10.84 -23.56
N ALA B 87 8.60 9.84 -22.80
CA ALA B 87 7.88 8.71 -23.37
C ALA B 87 6.72 8.32 -22.49
N CYS B 88 5.57 8.09 -23.11
CA CYS B 88 4.38 7.58 -22.42
C CYS B 88 4.04 6.21 -22.98
N ASN B 89 4.22 5.16 -22.16
CA ASN B 89 3.98 3.78 -22.57
C ASN B 89 2.52 3.45 -22.25
N ASN B 90 1.65 3.66 -23.24
CA ASN B 90 0.22 3.69 -23.02
C ASN B 90 -0.54 2.55 -23.70
N ALA B 91 -0.06 2.04 -24.83
CA ALA B 91 -0.79 1.01 -25.57
C ALA B 91 -1.16 -0.16 -24.68
N GLY B 92 -2.44 -0.54 -24.72
CA GLY B 92 -2.86 -1.70 -23.94
C GLY B 92 -4.10 -2.32 -24.56
N ILE B 93 -4.50 -3.45 -23.99
CA ILE B 93 -5.68 -4.18 -24.44
C ILE B 93 -6.40 -4.73 -23.21
N GLY B 94 -7.71 -4.81 -23.29
CA GLY B 94 -8.52 -5.31 -22.19
C GLY B 94 -8.44 -6.81 -21.94
N GLY B 95 -8.48 -7.61 -22.99
CA GLY B 95 -8.46 -9.05 -22.86
C GLY B 95 -9.83 -9.68 -22.64
N GLU B 96 -9.88 -11.00 -22.76
CA GLU B 96 -11.12 -11.74 -22.54
C GLU B 96 -11.54 -11.65 -21.08
N GLN B 97 -12.84 -11.77 -20.84
CA GLN B 97 -13.40 -11.79 -19.49
C GLN B 97 -13.72 -13.24 -19.13
N ALA B 98 -13.05 -13.75 -18.10
CA ALA B 98 -13.22 -15.13 -17.67
C ALA B 98 -12.59 -15.28 -16.30
N LEU B 99 -13.14 -16.17 -15.49
CA LEU B 99 -12.53 -16.52 -14.21
C LEU B 99 -11.09 -16.98 -14.42
N ALA B 100 -10.25 -16.72 -13.41
CA ALA B 100 -8.82 -17.06 -13.54
C ALA B 100 -8.62 -18.52 -13.90
N GLY B 101 -9.35 -19.43 -13.25
CA GLY B 101 -9.22 -20.84 -13.58
C GLY B 101 -9.68 -21.22 -14.97
N ASP B 102 -10.52 -20.39 -15.58
CA ASP B 102 -11.01 -20.60 -16.94
C ASP B 102 -10.18 -19.87 -18.00
N TYR B 103 -9.18 -19.09 -17.59
CA TYR B 103 -8.53 -18.17 -18.52
C TYR B 103 -7.70 -18.96 -19.53
N GLY B 104 -7.82 -18.61 -20.81
CA GLY B 104 -7.05 -19.31 -21.83
C GLY B 104 -5.57 -19.03 -21.70
N LEU B 105 -4.76 -20.05 -22.04
CA LEU B 105 -3.32 -19.91 -21.95
C LEU B 105 -2.82 -18.83 -22.90
N ASP B 106 -3.27 -18.87 -24.15
CA ASP B 106 -2.85 -17.86 -25.12
C ASP B 106 -3.45 -16.50 -24.80
N SER B 107 -4.68 -16.46 -24.32
CA SER B 107 -5.29 -15.18 -23.94
C SER B 107 -4.51 -14.53 -22.81
N TRP B 108 -4.08 -15.33 -21.82
CA TRP B 108 -3.24 -14.80 -20.76
C TRP B 108 -1.98 -14.17 -21.33
N ARG B 109 -1.26 -14.90 -22.17
CA ARG B 109 0.01 -14.41 -22.70
C ARG B 109 -0.19 -13.17 -23.55
N LYS B 110 -1.29 -13.11 -24.31
CA LYS B 110 -1.52 -11.96 -25.17
C LYS B 110 -1.71 -10.69 -24.36
N VAL B 111 -2.48 -10.77 -23.26
CA VAL B 111 -2.66 -9.61 -22.41
C VAL B 111 -1.35 -9.20 -21.75
N LEU B 112 -0.57 -10.17 -21.27
CA LEU B 112 0.71 -9.82 -20.65
C LEU B 112 1.69 -9.28 -21.67
N SER B 113 1.68 -9.82 -22.90
CA SER B 113 2.66 -9.38 -23.89
C SER B 113 2.48 -7.90 -24.24
N ILE B 114 1.24 -7.42 -24.32
CA ILE B 114 1.02 -6.02 -24.66
C ILE B 114 1.07 -5.13 -23.42
N ASN B 115 0.34 -5.52 -22.37
CA ASN B 115 0.15 -4.63 -21.23
C ASN B 115 1.35 -4.60 -20.28
N LEU B 116 2.20 -5.64 -20.31
CA LEU B 116 3.45 -5.63 -19.55
C LEU B 116 4.68 -5.67 -20.45
N ASP B 117 4.85 -6.70 -21.28
CA ASP B 117 6.10 -6.82 -22.03
C ASP B 117 6.32 -5.60 -22.93
N GLY B 118 5.26 -5.12 -23.59
CA GLY B 118 5.39 -3.95 -24.42
C GLY B 118 5.81 -2.71 -23.66
N VAL B 119 5.36 -2.58 -22.40
CA VAL B 119 5.80 -1.47 -21.58
C VAL B 119 7.28 -1.62 -21.22
N PHE B 120 7.69 -2.84 -20.86
CA PHE B 120 9.11 -3.07 -20.60
C PHE B 120 9.96 -2.80 -21.84
N TYR B 121 9.55 -3.30 -23.01
CA TYR B 121 10.33 -3.03 -24.22
C TYR B 121 10.44 -1.54 -24.48
N GLY B 122 9.33 -0.81 -24.32
CA GLY B 122 9.40 0.64 -24.43
C GLY B 122 10.41 1.23 -23.46
N CYS B 123 10.28 0.88 -22.17
CA CYS B 123 11.20 1.43 -21.19
C CYS B 123 12.64 1.11 -21.54
N LYS B 124 12.93 -0.14 -21.91
CA LYS B 124 14.29 -0.56 -22.23
C LYS B 124 14.91 0.33 -23.31
N TYR B 125 14.22 0.47 -24.45
CA TYR B 125 14.81 1.23 -25.54
C TYR B 125 14.70 2.74 -25.33
N GLU B 126 13.67 3.19 -24.58
CA GLU B 126 13.64 4.61 -24.22
C GLU B 126 14.78 4.97 -23.30
N LEU B 127 15.04 4.12 -22.29
CA LEU B 127 16.12 4.39 -21.36
C LEU B 127 17.46 4.42 -22.07
N GLU B 128 17.67 3.46 -22.98
CA GLU B 128 18.87 3.42 -23.80
C GLU B 128 19.10 4.76 -24.51
N GLN B 129 18.07 5.30 -25.13
CA GLN B 129 18.23 6.56 -25.84
C GLN B 129 18.37 7.74 -24.88
N MET B 130 17.57 7.75 -23.80
CA MET B 130 17.65 8.87 -22.87
C MET B 130 19.05 8.98 -22.26
N GLU B 131 19.71 7.85 -22.01
CA GLU B 131 21.07 7.92 -21.48
C GLU B 131 22.05 8.54 -22.46
N LYS B 132 21.70 8.59 -23.76
CA LYS B 132 22.55 9.26 -24.75
C LYS B 132 22.28 10.75 -24.86
N ASN B 133 21.07 11.22 -24.56
CA ASN B 133 20.75 12.63 -24.78
C ASN B 133 20.37 13.36 -23.49
N GLY B 134 21.09 13.08 -22.41
CA GLY B 134 20.99 13.91 -21.23
C GLY B 134 19.83 13.60 -20.31
N GLY B 135 19.28 12.40 -20.40
CA GLY B 135 18.21 12.00 -19.53
C GLY B 135 16.85 12.19 -20.17
N GLY B 136 15.82 12.06 -19.33
CA GLY B 136 14.47 12.17 -19.82
C GLY B 136 13.49 11.68 -18.76
N VAL B 137 12.23 11.55 -19.19
CA VAL B 137 11.14 11.23 -18.28
C VAL B 137 10.24 10.21 -18.95
N ILE B 138 9.86 9.17 -18.20
CA ILE B 138 8.96 8.11 -18.68
C ILE B 138 7.71 8.13 -17.82
N VAL B 139 6.54 8.03 -18.45
CA VAL B 139 5.29 7.76 -17.75
C VAL B 139 4.76 6.42 -18.26
N ASN B 140 4.54 5.49 -17.36
CA ASN B 140 3.95 4.20 -17.69
C ASN B 140 2.45 4.24 -17.35
N MET B 141 1.62 3.81 -18.31
CA MET B 141 0.19 3.75 -18.05
C MET B 141 -0.13 2.45 -17.33
N ALA B 142 -0.49 2.55 -16.06
CA ALA B 142 -0.98 1.41 -15.30
C ALA B 142 -2.51 1.50 -15.24
N SER B 143 -3.14 1.41 -14.09
CA SER B 143 -4.58 1.29 -13.93
C SER B 143 -4.81 1.25 -12.43
N ILE B 144 -6.04 1.56 -12.01
CA ILE B 144 -6.43 1.17 -10.65
C ILE B 144 -6.17 -0.31 -10.45
N HIS B 145 -6.20 -1.09 -11.52
CA HIS B 145 -5.97 -2.53 -11.39
C HIS B 145 -4.50 -2.87 -11.31
N GLY B 146 -3.64 -1.85 -11.19
CA GLY B 146 -2.31 -2.05 -10.67
C GLY B 146 -2.24 -2.18 -9.16
N ILE B 147 -3.34 -1.90 -8.43
CA ILE B 147 -3.35 -2.07 -6.98
C ILE B 147 -4.59 -2.77 -6.42
N VAL B 148 -5.66 -2.92 -7.22
CA VAL B 148 -6.84 -3.68 -6.82
C VAL B 148 -7.30 -4.59 -7.95
N ALA B 149 -8.03 -5.64 -7.59
CA ALA B 149 -8.44 -6.64 -8.58
C ALA B 149 -9.53 -6.12 -9.50
N ALA B 150 -9.57 -6.68 -10.71
CA ALA B 150 -10.67 -6.54 -11.67
C ALA B 150 -11.20 -7.95 -11.89
N PRO B 151 -12.22 -8.38 -11.15
CA PRO B 151 -12.74 -9.74 -11.34
C PRO B 151 -13.09 -10.01 -12.80
N LEU B 152 -12.68 -11.19 -13.27
CA LEU B 152 -12.77 -11.72 -14.62
C LEU B 152 -11.68 -11.15 -15.53
N SER B 153 -10.81 -10.29 -15.03
CA SER B 153 -9.70 -9.76 -15.83
C SER B 153 -8.37 -9.97 -15.11
N SER B 154 -8.09 -11.21 -14.70
CA SER B 154 -6.88 -11.46 -13.92
C SER B 154 -5.61 -11.18 -14.71
N ALA B 155 -5.60 -11.43 -16.02
CA ALA B 155 -4.38 -11.16 -16.80
C ALA B 155 -4.07 -9.68 -16.84
N TYR B 156 -5.09 -8.85 -17.05
CA TYR B 156 -4.92 -7.41 -17.03
C TYR B 156 -4.44 -6.93 -15.66
N THR B 157 -5.04 -7.44 -14.59
CA THR B 157 -4.66 -7.00 -13.25
C THR B 157 -3.23 -7.37 -12.96
N SER B 158 -2.83 -8.58 -13.35
CA SER B 158 -1.46 -9.03 -13.13
C SER B 158 -0.49 -8.15 -13.91
N ALA B 159 -0.80 -7.90 -15.18
CA ALA B 159 0.06 -7.05 -16.03
C ALA B 159 0.19 -5.64 -15.46
N LYS B 160 -0.91 -5.07 -14.98
CA LYS B 160 -0.81 -3.69 -14.50
C LYS B 160 -0.12 -3.60 -13.15
N HIS B 161 -0.31 -4.60 -12.28
CA HIS B 161 0.53 -4.72 -11.07
C HIS B 161 2.00 -4.77 -11.44
N ALA B 162 2.33 -5.53 -12.47
CA ALA B 162 3.72 -5.63 -12.88
C ALA B 162 4.26 -4.29 -13.36
N VAL B 163 3.43 -3.51 -14.06
CA VAL B 163 3.86 -2.18 -14.52
C VAL B 163 4.20 -1.30 -13.32
N VAL B 164 3.42 -1.40 -12.25
CA VAL B 164 3.72 -0.61 -11.05
C VAL B 164 5.09 -1.00 -10.49
N GLY B 165 5.36 -2.30 -10.42
CA GLY B 165 6.64 -2.75 -9.90
C GLY B 165 7.80 -2.35 -10.80
N LEU B 166 7.64 -2.51 -12.11
CA LEU B 166 8.66 -2.08 -13.07
C LEU B 166 8.99 -0.60 -12.89
N THR B 167 7.95 0.21 -12.70
CA THR B 167 8.11 1.64 -12.51
C THR B 167 8.91 1.95 -11.24
N LYS B 168 8.59 1.28 -10.13
CA LYS B 168 9.37 1.46 -8.90
C LYS B 168 10.84 1.13 -9.16
N ASN B 169 11.09 0.06 -9.90
CA ASN B 169 12.45 -0.37 -10.13
C ASN B 169 13.21 0.62 -11.00
N ILE B 170 12.58 1.13 -12.06
CA ILE B 170 13.28 2.09 -12.92
C ILE B 170 13.54 3.37 -12.16
N GLY B 171 12.54 3.86 -11.42
CA GLY B 171 12.74 5.07 -10.66
C GLY B 171 13.91 4.96 -9.69
N ALA B 172 13.99 3.83 -8.98
CA ALA B 172 15.09 3.61 -8.04
C ALA B 172 16.42 3.49 -8.76
N GLU B 173 16.47 2.74 -9.86
CA GLU B 173 17.72 2.49 -10.56
C GLU B 173 18.29 3.75 -11.21
N TYR B 174 17.43 4.62 -11.71
CA TYR B 174 17.87 5.75 -12.53
C TYR B 174 17.81 7.07 -11.78
N GLY B 175 17.64 7.03 -10.46
CA GLY B 175 17.48 8.25 -9.68
C GLY B 175 18.61 9.24 -9.86
N GLN B 176 19.85 8.74 -10.02
CA GLN B 176 21.00 9.62 -10.20
C GLN B 176 21.47 9.67 -11.65
N LYS B 177 20.62 9.25 -12.59
CA LYS B 177 20.94 9.24 -14.00
C LYS B 177 20.08 10.20 -14.82
N ASN B 178 19.53 11.22 -14.17
CA ASN B 178 18.78 12.29 -14.84
C ASN B 178 17.56 11.76 -15.57
N ILE B 179 17.00 10.65 -15.08
CA ILE B 179 15.83 10.01 -15.66
C ILE B 179 14.83 9.80 -14.54
N ARG B 180 13.56 10.12 -14.81
CA ARG B 180 12.49 9.81 -13.87
C ARG B 180 11.49 8.89 -14.55
N CYS B 181 10.76 8.13 -13.74
CA CYS B 181 9.79 7.17 -14.26
C CYS B 181 8.67 7.05 -13.25
N ASN B 182 7.44 7.30 -13.66
CA ASN B 182 6.29 7.19 -12.77
C ASN B 182 5.16 6.51 -13.50
N ALA B 183 4.19 6.02 -12.73
CA ALA B 183 3.05 5.30 -13.28
C ALA B 183 1.76 6.03 -12.96
N VAL B 184 0.80 5.99 -13.89
CA VAL B 184 -0.51 6.59 -13.72
C VAL B 184 -1.55 5.48 -13.61
N GLY B 185 -2.50 5.66 -12.69
CA GLY B 185 -3.51 4.66 -12.44
C GLY B 185 -4.92 5.19 -12.63
N PRO B 186 -5.40 5.20 -13.88
CA PRO B 186 -6.77 5.63 -14.12
C PRO B 186 -7.77 4.58 -13.68
N ALA B 187 -8.94 5.05 -13.25
CA ALA B 187 -10.10 4.18 -13.10
C ALA B 187 -10.77 4.04 -14.46
N TYR B 188 -12.07 3.80 -14.49
CA TYR B 188 -12.74 3.57 -15.76
C TYR B 188 -12.99 4.90 -16.46
N ILE B 189 -12.58 4.95 -17.73
CA ILE B 189 -12.54 6.16 -18.55
C ILE B 189 -13.49 5.94 -19.72
N GLU B 190 -14.37 6.90 -19.94
CA GLU B 190 -15.30 6.82 -21.07
C GLU B 190 -14.56 6.62 -22.39
N MET B 201 -23.53 -3.05 -17.01
CA MET B 201 -24.09 -1.71 -17.09
C MET B 201 -23.08 -0.67 -16.65
N LYS B 202 -23.11 0.48 -17.30
CA LYS B 202 -22.28 1.60 -16.85
C LYS B 202 -22.77 2.15 -15.52
N GLU B 203 -24.02 1.88 -15.15
CA GLU B 203 -24.53 2.26 -13.83
C GLU B 203 -23.78 1.55 -12.71
N ALA B 204 -23.64 0.23 -12.83
CA ALA B 204 -22.90 -0.52 -11.82
C ALA B 204 -21.45 -0.06 -11.76
N LEU B 205 -20.86 0.23 -12.91
CA LEU B 205 -19.49 0.72 -12.95
C LEU B 205 -19.36 2.10 -12.31
N ILE B 206 -20.27 3.01 -12.67
CA ILE B 206 -20.24 4.35 -12.08
C ILE B 206 -20.43 4.29 -10.57
N SER B 207 -21.23 3.33 -10.09
CA SER B 207 -21.47 3.22 -8.65
C SER B 207 -20.21 2.86 -7.86
N LYS B 208 -19.18 2.35 -8.53
CA LYS B 208 -17.90 2.05 -7.89
C LYS B 208 -16.96 3.25 -7.85
N HIS B 209 -17.38 4.39 -8.40
CA HIS B 209 -16.57 5.62 -8.37
C HIS B 209 -17.25 6.61 -7.45
N PRO B 210 -16.66 6.98 -6.31
CA PRO B 210 -17.28 8.01 -5.45
C PRO B 210 -17.63 9.31 -6.15
N MET B 211 -16.91 9.71 -7.21
CA MET B 211 -17.28 10.95 -7.88
C MET B 211 -18.53 10.80 -8.74
N GLY B 212 -19.06 9.58 -8.89
CA GLY B 212 -20.36 9.41 -9.50
C GLY B 212 -20.40 9.56 -11.00
N ARG B 213 -19.24 9.42 -11.66
CA ARG B 213 -19.15 9.41 -13.10
C ARG B 213 -17.88 8.67 -13.47
N LEU B 214 -17.77 8.31 -14.75
CA LEU B 214 -16.49 7.83 -15.25
C LEU B 214 -15.58 9.01 -15.55
N GLY B 215 -14.29 8.71 -15.69
CA GLY B 215 -13.33 9.73 -16.06
C GLY B 215 -13.33 10.00 -17.56
N LYS B 216 -12.71 11.12 -17.93
CA LYS B 216 -12.51 11.51 -19.32
C LYS B 216 -11.04 11.36 -19.70
N PRO B 217 -10.73 11.03 -20.95
CA PRO B 217 -9.32 10.82 -21.30
C PRO B 217 -8.46 12.05 -21.07
N GLU B 218 -9.01 13.25 -21.28
CA GLU B 218 -8.24 14.47 -21.04
C GLU B 218 -7.88 14.64 -19.57
N GLU B 219 -8.66 14.04 -18.67
CA GLU B 219 -8.35 14.15 -17.25
C GLU B 219 -7.16 13.27 -16.88
N VAL B 220 -7.01 12.13 -17.56
CA VAL B 220 -5.82 11.31 -17.38
C VAL B 220 -4.62 12.02 -17.99
N ALA B 221 -4.81 12.60 -19.18
CA ALA B 221 -3.72 13.28 -19.87
C ALA B 221 -3.15 14.43 -19.06
N GLU B 222 -3.98 15.15 -18.29
CA GLU B 222 -3.43 16.25 -17.49
C GLU B 222 -2.42 15.73 -16.48
N LEU B 223 -2.71 14.58 -15.86
CA LEU B 223 -1.76 14.02 -14.91
C LEU B 223 -0.50 13.52 -15.62
N VAL B 224 -0.66 12.90 -16.78
CA VAL B 224 0.51 12.45 -17.54
C VAL B 224 1.39 13.65 -17.89
N LEU B 225 0.77 14.74 -18.36
CA LEU B 225 1.51 15.94 -18.70
C LEU B 225 2.29 16.47 -17.51
N PHE B 226 1.64 16.54 -16.35
CA PHE B 226 2.33 17.01 -15.15
C PHE B 226 3.55 16.13 -14.84
N LEU B 227 3.38 14.81 -14.89
CA LEU B 227 4.45 13.89 -14.57
C LEU B 227 5.54 13.85 -15.65
N SER B 228 5.25 14.35 -16.85
CA SER B 228 6.24 14.39 -17.93
C SER B 228 7.02 15.69 -17.95
N SER B 229 6.60 16.69 -17.19
CA SER B 229 7.15 18.03 -17.21
C SER B 229 8.14 18.22 -16.07
N GLU B 230 8.89 19.32 -16.14
CA GLU B 230 9.80 19.71 -15.08
C GLU B 230 9.09 20.01 -13.76
N LYS B 231 7.77 20.19 -13.77
CA LYS B 231 7.06 20.51 -12.53
C LYS B 231 7.16 19.37 -11.53
N SER B 232 7.27 18.13 -12.03
CA SER B 232 7.33 16.94 -11.19
C SER B 232 8.77 16.50 -10.88
N SER B 233 9.70 17.45 -10.80
CA SER B 233 11.13 17.16 -10.81
C SER B 233 11.62 16.31 -9.63
N PHE B 234 10.90 16.23 -8.50
CA PHE B 234 11.32 15.37 -7.39
C PHE B 234 10.43 14.15 -7.26
N MET B 235 9.74 13.78 -8.34
CA MET B 235 8.80 12.66 -8.32
C MET B 235 9.33 11.55 -9.19
N THR B 236 9.64 10.40 -8.59
CA THR B 236 10.08 9.26 -9.39
C THR B 236 9.76 7.98 -8.65
N GLY B 237 9.56 6.91 -9.43
CA GLY B 237 9.22 5.59 -8.91
C GLY B 237 7.81 5.46 -8.38
N GLY B 238 6.99 6.49 -8.53
CA GLY B 238 5.72 6.57 -7.84
C GLY B 238 4.55 6.14 -8.70
N TYR B 239 3.46 5.81 -8.02
CA TYR B 239 2.19 5.44 -8.63
C TYR B 239 1.15 6.51 -8.28
N TYR B 240 0.47 7.02 -9.31
CA TYR B 240 -0.36 8.22 -9.18
C TYR B 240 -1.76 7.94 -9.70
N LEU B 241 -2.72 7.92 -8.78
CA LEU B 241 -4.10 7.61 -9.13
C LEU B 241 -4.79 8.76 -9.85
N VAL B 242 -5.64 8.41 -10.81
CA VAL B 242 -6.61 9.37 -11.33
C VAL B 242 -7.90 8.56 -11.45
N ASP B 243 -8.58 8.38 -10.31
CA ASP B 243 -9.54 7.29 -10.17
C ASP B 243 -10.91 7.70 -9.65
N GLY B 244 -11.18 9.00 -9.49
CA GLY B 244 -12.49 9.40 -9.03
C GLY B 244 -12.86 8.87 -7.67
N GLY B 245 -11.85 8.47 -6.88
CA GLY B 245 -12.08 7.91 -5.57
C GLY B 245 -12.20 6.39 -5.51
N TYR B 246 -12.05 5.70 -6.65
CA TYR B 246 -12.36 4.27 -6.71
C TYR B 246 -11.63 3.48 -5.64
N THR B 247 -10.33 3.73 -5.47
CA THR B 247 -9.54 2.94 -4.53
C THR B 247 -9.54 3.51 -3.12
N ALA B 248 -10.23 4.62 -2.90
CA ALA B 248 -10.28 5.18 -1.56
C ALA B 248 -11.13 4.34 -0.62
N VAL B 249 -11.99 3.47 -1.16
CA VAL B 249 -12.88 2.65 -0.35
C VAL B 249 -12.56 1.18 -0.53
N GLY C 2 0.27 -26.22 25.18
CA GLY C 2 -0.15 -25.24 24.20
C GLY C 2 1.01 -24.40 23.72
N ILE C 3 0.78 -23.65 22.62
CA ILE C 3 1.87 -22.91 22.00
C ILE C 3 2.22 -21.63 22.73
N LEU C 4 1.43 -21.24 23.73
CA LEU C 4 1.74 -20.09 24.58
C LEU C 4 1.97 -20.50 26.03
N ASP C 5 2.38 -21.74 26.26
CA ASP C 5 2.48 -22.26 27.61
C ASP C 5 3.35 -21.36 28.49
N ASN C 6 2.78 -20.96 29.63
CA ASN C 6 3.42 -20.16 30.67
C ASN C 6 3.75 -18.74 30.24
N LYS C 7 3.34 -18.33 29.05
CA LYS C 7 3.44 -16.92 28.68
C LYS C 7 2.35 -16.13 29.40
N VAL C 8 2.65 -14.89 29.73
CA VAL C 8 1.66 -13.98 30.31
C VAL C 8 1.19 -13.03 29.22
N ALA C 9 -0.14 -12.94 29.04
CA ALA C 9 -0.76 -12.20 27.95
C ALA C 9 -1.79 -11.22 28.49
N LEU C 10 -1.77 -10.01 27.97
CA LEU C 10 -2.74 -8.97 28.30
C LEU C 10 -3.61 -8.72 27.08
N VAL C 11 -4.93 -8.62 27.28
CA VAL C 11 -5.87 -8.27 26.21
C VAL C 11 -6.74 -7.12 26.72
N THR C 12 -6.78 -6.01 25.99
CA THR C 12 -7.72 -4.95 26.32
C THR C 12 -9.04 -5.11 25.56
N GLY C 13 -10.11 -4.56 26.12
CA GLY C 13 -11.42 -4.75 25.53
C GLY C 13 -11.86 -6.19 25.41
N ALA C 14 -11.48 -7.02 26.39
CA ALA C 14 -11.61 -8.46 26.29
C ALA C 14 -12.93 -9.00 26.82
N GLY C 15 -13.87 -8.11 27.19
CA GLY C 15 -15.17 -8.56 27.66
C GLY C 15 -16.16 -8.97 26.59
N SER C 16 -15.86 -8.69 25.32
CA SER C 16 -16.81 -9.03 24.27
C SER C 16 -16.07 -9.10 22.93
N GLY C 17 -16.77 -9.64 21.94
CA GLY C 17 -16.33 -9.62 20.55
C GLY C 17 -14.96 -10.20 20.31
N ILE C 18 -14.18 -9.48 19.50
CA ILE C 18 -12.86 -9.96 19.10
C ILE C 18 -11.95 -10.14 20.32
N GLY C 19 -11.97 -9.17 21.24
CA GLY C 19 -11.08 -9.26 22.40
C GLY C 19 -11.39 -10.46 23.26
N LEU C 20 -12.67 -10.77 23.44
CA LEU C 20 -13.07 -11.97 24.18
C LEU C 20 -12.57 -13.24 23.49
N ALA C 21 -12.68 -13.30 22.15
CA ALA C 21 -12.20 -14.47 21.43
C ALA C 21 -10.68 -14.59 21.52
N VAL C 22 -9.98 -13.46 21.49
CA VAL C 22 -8.53 -13.48 21.66
C VAL C 22 -8.15 -13.99 23.05
N ALA C 23 -8.83 -13.50 24.09
CA ALA C 23 -8.54 -13.96 25.44
C ALA C 23 -8.76 -15.46 25.56
N HIS C 24 -9.87 -15.97 25.02
CA HIS C 24 -10.12 -17.41 25.04
C HIS C 24 -9.02 -18.18 24.29
N SER C 25 -8.63 -17.69 23.12
CA SER C 25 -7.60 -18.37 22.32
C SER C 25 -6.28 -18.42 23.07
N TYR C 26 -5.86 -17.28 23.61
CA TYR C 26 -4.63 -17.23 24.40
C TYR C 26 -4.69 -18.24 25.55
N ALA C 27 -5.82 -18.27 26.27
CA ALA C 27 -5.89 -19.12 27.44
C ALA C 27 -5.97 -20.59 27.06
N LYS C 28 -6.62 -20.90 25.94
CA LYS C 28 -6.66 -22.27 25.46
C LYS C 28 -5.27 -22.80 25.14
N GLU C 29 -4.36 -21.92 24.70
CA GLU C 29 -2.99 -22.31 24.38
C GLU C 29 -2.05 -22.18 25.56
N GLY C 30 -2.57 -22.01 26.77
CA GLY C 30 -1.77 -22.12 27.98
C GLY C 30 -1.23 -20.82 28.54
N ALA C 31 -1.63 -19.68 27.99
CA ALA C 31 -1.16 -18.41 28.53
C ALA C 31 -1.93 -18.09 29.81
N LYS C 32 -1.26 -17.36 30.70
CA LYS C 32 -1.94 -16.71 31.80
C LYS C 32 -2.41 -15.34 31.30
N VAL C 33 -3.72 -15.13 31.28
CA VAL C 33 -4.32 -14.01 30.55
C VAL C 33 -4.86 -12.98 31.55
N ILE C 34 -4.43 -11.73 31.38
CA ILE C 34 -5.10 -10.60 32.02
C ILE C 34 -6.17 -10.13 31.05
N VAL C 35 -7.44 -10.30 31.44
CA VAL C 35 -8.59 -9.78 30.72
C VAL C 35 -8.85 -8.37 31.25
N SER C 36 -8.69 -7.36 30.40
CA SER C 36 -9.01 -5.99 30.78
C SER C 36 -10.21 -5.51 29.98
N ASP C 37 -11.07 -4.74 30.64
CA ASP C 37 -12.22 -4.13 30.00
C ASP C 37 -12.63 -2.93 30.83
N ILE C 38 -13.32 -2.00 30.18
CA ILE C 38 -13.91 -0.89 30.94
C ILE C 38 -15.18 -1.30 31.66
N ASN C 39 -15.83 -2.38 31.21
CA ASN C 39 -17.07 -2.90 31.78
C ASN C 39 -16.70 -4.09 32.68
N GLU C 40 -16.84 -3.93 34.00
CA GLU C 40 -16.39 -4.97 34.92
C GLU C 40 -17.29 -6.21 34.87
N ASP C 41 -18.57 -6.04 34.57
CA ASP C 41 -19.43 -7.23 34.47
C ASP C 41 -19.02 -8.10 33.29
N HIS C 42 -18.76 -7.48 32.14
CA HIS C 42 -18.28 -8.23 30.98
C HIS C 42 -16.92 -8.87 31.27
N GLY C 43 -16.02 -8.09 31.86
CA GLY C 43 -14.68 -8.59 32.12
C GLY C 43 -14.68 -9.75 33.09
N ASN C 44 -15.46 -9.64 34.17
CA ASN C 44 -15.54 -10.73 35.13
C ASN C 44 -16.15 -11.98 34.50
N LYS C 45 -17.20 -11.81 33.69
CA LYS C 45 -17.83 -12.97 33.07
C LYS C 45 -16.88 -13.64 32.08
N ALA C 46 -16.10 -12.85 31.35
CA ALA C 46 -15.11 -13.42 30.43
C ALA C 46 -14.12 -14.29 31.18
N VAL C 47 -13.62 -13.80 32.32
CA VAL C 47 -12.65 -14.55 33.10
C VAL C 47 -13.28 -15.84 33.61
N GLU C 48 -14.50 -15.77 34.13
CA GLU C 48 -15.13 -16.98 34.65
C GLU C 48 -15.35 -18.00 33.55
N ASP C 49 -15.65 -17.55 32.33
CA ASP C 49 -15.86 -18.48 31.21
C ASP C 49 -14.55 -19.11 30.76
N ILE C 50 -13.47 -18.33 30.77
CA ILE C 50 -12.14 -18.88 30.44
C ILE C 50 -11.75 -19.95 31.46
N LYS C 51 -11.99 -19.67 32.74
CA LYS C 51 -11.62 -20.64 33.77
C LYS C 51 -12.48 -21.89 33.70
N ALA C 52 -13.75 -21.75 33.29
CA ALA C 52 -14.64 -22.89 33.15
C ALA C 52 -14.16 -23.86 32.08
N GLN C 53 -13.39 -23.39 31.10
CA GLN C 53 -12.77 -24.29 30.13
C GLN C 53 -11.41 -24.80 30.58
N GLY C 54 -10.99 -24.50 31.80
CA GLY C 54 -9.72 -24.97 32.29
C GLY C 54 -8.55 -24.04 32.14
N GLY C 55 -8.78 -22.79 31.69
CA GLY C 55 -7.71 -21.83 31.49
C GLY C 55 -7.45 -20.97 32.71
N GLU C 56 -6.42 -20.13 32.59
CA GLU C 56 -6.00 -19.25 33.68
C GLU C 56 -6.16 -17.79 33.25
N ALA C 57 -6.97 -17.04 33.99
CA ALA C 57 -7.21 -15.64 33.65
C ALA C 57 -7.58 -14.86 34.91
N SER C 58 -7.34 -13.54 34.85
CA SER C 58 -7.69 -12.62 35.92
C SER C 58 -8.14 -11.30 35.29
N PHE C 59 -9.07 -10.62 35.96
CA PHE C 59 -9.64 -9.39 35.44
C PHE C 59 -8.99 -8.16 36.05
N VAL C 60 -8.69 -7.16 35.22
CA VAL C 60 -8.20 -5.86 35.67
C VAL C 60 -8.91 -4.78 34.87
N LYS C 61 -9.66 -3.92 35.55
CA LYS C 61 -10.41 -2.85 34.89
C LYS C 61 -9.47 -1.78 34.39
N ALA C 62 -9.74 -1.26 33.18
CA ALA C 62 -8.97 -0.14 32.67
C ALA C 62 -9.76 0.56 31.58
N ASP C 63 -9.64 1.89 31.57
CA ASP C 63 -10.05 2.76 30.47
C ASP C 63 -8.77 3.13 29.72
N THR C 64 -8.61 2.59 28.51
CA THR C 64 -7.34 2.76 27.81
C THR C 64 -7.09 4.19 27.38
N SER C 65 -8.09 5.06 27.41
CA SER C 65 -7.85 6.46 27.09
C SER C 65 -7.13 7.20 28.21
N ASN C 66 -7.01 6.59 29.39
CA ASN C 66 -6.33 7.20 30.52
C ASN C 66 -4.94 6.58 30.64
N PRO C 67 -3.86 7.32 30.36
CA PRO C 67 -2.53 6.70 30.41
C PRO C 67 -2.18 6.19 31.80
N GLU C 68 -2.64 6.85 32.86
CA GLU C 68 -2.38 6.35 34.21
C GLU C 68 -2.98 4.96 34.41
N GLU C 69 -4.18 4.74 33.89
CA GLU C 69 -4.82 3.44 34.06
C GLU C 69 -4.13 2.37 33.24
N VAL C 70 -3.63 2.72 32.05
CA VAL C 70 -2.91 1.72 31.25
C VAL C 70 -1.59 1.35 31.91
N GLU C 71 -0.87 2.35 32.43
CA GLU C 71 0.36 2.08 33.16
C GLU C 71 0.09 1.17 34.35
N ALA C 72 -0.97 1.46 35.10
CA ALA C 72 -1.33 0.65 36.26
C ALA C 72 -1.75 -0.75 35.84
N LEU C 73 -2.39 -0.87 34.68
CA LEU C 73 -2.80 -2.18 34.16
C LEU C 73 -1.59 -3.06 33.87
N VAL C 74 -0.55 -2.51 33.23
CA VAL C 74 0.67 -3.28 33.00
C VAL C 74 1.34 -3.62 34.35
N LYS C 75 1.37 -2.66 35.27
CA LYS C 75 2.00 -2.93 36.57
C LYS C 75 1.24 -4.04 37.30
N ARG C 76 -0.08 -4.03 37.21
CA ARG C 76 -0.89 -5.04 37.88
C ARG C 76 -0.71 -6.41 37.24
N THR C 77 -0.57 -6.46 35.91
CA THR C 77 -0.25 -7.71 35.23
C THR C 77 1.01 -8.33 35.80
N VAL C 78 2.06 -7.51 35.96
CA VAL C 78 3.32 -7.99 36.50
C VAL C 78 3.15 -8.40 37.96
N GLU C 79 2.36 -7.64 38.72
CA GLU C 79 2.12 -7.98 40.11
C GLU C 79 1.43 -9.33 40.25
N ILE C 80 0.50 -9.63 39.34
CA ILE C 80 -0.30 -10.85 39.42
C ILE C 80 0.47 -12.04 38.87
N TYR C 81 1.06 -11.90 37.68
CA TYR C 81 1.67 -13.02 36.99
C TYR C 81 3.17 -12.92 36.81
N GLY C 82 3.80 -11.80 37.21
CA GLY C 82 5.25 -11.73 37.31
C GLY C 82 5.99 -11.20 36.10
N ARG C 83 5.31 -11.02 34.98
CA ARG C 83 5.98 -10.64 33.75
C ARG C 83 4.90 -10.32 32.72
N LEU C 84 5.33 -9.84 31.55
CA LEU C 84 4.43 -9.61 30.42
C LEU C 84 5.11 -10.07 29.14
N ASP C 85 4.53 -11.07 28.47
CA ASP C 85 5.11 -11.62 27.26
C ASP C 85 4.36 -11.24 25.99
N ILE C 86 3.05 -11.05 26.09
CA ILE C 86 2.18 -10.86 24.94
C ILE C 86 1.15 -9.80 25.29
N ALA C 87 0.86 -8.89 24.36
CA ALA C 87 -0.19 -7.92 24.59
C ALA C 87 -0.97 -7.71 23.30
N CYS C 88 -2.29 -7.67 23.42
CA CYS C 88 -3.15 -7.38 22.28
C CYS C 88 -3.96 -6.13 22.62
N ASN C 89 -3.67 -5.02 21.92
CA ASN C 89 -4.34 -3.74 22.15
C ASN C 89 -5.57 -3.69 21.27
N ASN C 90 -6.70 -4.08 21.86
CA ASN C 90 -7.92 -4.35 21.10
C ASN C 90 -9.07 -3.40 21.40
N ALA C 91 -9.12 -2.79 22.59
CA ALA C 91 -10.25 -1.94 22.96
C ALA C 91 -10.43 -0.80 21.95
N GLY C 92 -11.67 -0.62 21.49
CA GLY C 92 -11.95 0.44 20.53
C GLY C 92 -13.44 0.76 20.49
N ILE C 93 -13.75 1.90 19.89
CA ILE C 93 -15.13 2.35 19.70
C ILE C 93 -15.32 2.77 18.25
N GLY C 94 -16.58 2.74 17.80
CA GLY C 94 -16.89 3.09 16.42
C GLY C 94 -17.10 4.57 16.16
N GLY C 95 -17.62 5.30 17.14
CA GLY C 95 -17.86 6.73 16.99
C GLY C 95 -19.19 7.03 16.30
N GLU C 96 -19.53 8.31 16.28
CA GLU C 96 -20.75 8.69 15.57
C GLU C 96 -20.55 8.55 14.07
N GLN C 97 -21.67 8.52 13.34
CA GLN C 97 -21.67 8.50 11.90
C GLN C 97 -22.12 9.86 11.39
N ALA C 98 -21.24 10.54 10.67
CA ALA C 98 -21.51 11.86 10.14
C ALA C 98 -20.47 12.17 9.08
N LEU C 99 -20.85 13.02 8.13
CA LEU C 99 -19.89 13.51 7.15
C LEU C 99 -18.77 14.23 7.89
N ALA C 100 -17.57 14.21 7.29
CA ALA C 100 -16.43 14.83 7.94
C ALA C 100 -16.71 16.30 8.28
N GLY C 101 -17.33 17.04 7.37
CA GLY C 101 -17.65 18.43 7.65
C GLY C 101 -18.67 18.61 8.75
N ASP C 102 -19.42 17.57 9.08
CA ASP C 102 -20.41 17.60 10.15
C ASP C 102 -19.92 16.93 11.43
N TYR C 103 -18.68 16.43 11.46
CA TYR C 103 -18.26 15.54 12.52
C TYR C 103 -18.05 16.31 13.81
N GLY C 104 -18.61 15.80 14.91
CA GLY C 104 -18.51 16.50 16.18
C GLY C 104 -17.08 16.53 16.69
N LEU C 105 -16.71 17.67 17.27
CA LEU C 105 -15.41 17.76 17.93
C LEU C 105 -15.32 16.73 19.04
N ASP C 106 -16.42 16.54 19.79
CA ASP C 106 -16.40 15.55 20.87
C ASP C 106 -16.20 14.15 20.35
N SER C 107 -16.90 13.77 19.27
CA SER C 107 -16.76 12.41 18.79
C SER C 107 -15.38 12.18 18.17
N TRP C 108 -14.84 13.18 17.46
CA TRP C 108 -13.48 13.06 16.97
C TRP C 108 -12.50 12.79 18.12
N ARG C 109 -12.55 13.61 19.16
CA ARG C 109 -11.60 13.45 20.26
C ARG C 109 -11.76 12.08 20.91
N LYS C 110 -13.00 11.67 21.16
CA LYS C 110 -13.24 10.41 21.87
C LYS C 110 -12.71 9.23 21.06
N VAL C 111 -13.00 9.21 19.76
CA VAL C 111 -12.55 8.08 18.93
C VAL C 111 -11.03 8.04 18.86
N LEU C 112 -10.40 9.19 18.64
CA LEU C 112 -8.94 9.17 18.57
C LEU C 112 -8.32 8.86 19.92
N SER C 113 -8.96 9.26 21.03
CA SER C 113 -8.38 9.01 22.33
C SER C 113 -8.34 7.52 22.67
N ILE C 114 -9.40 6.78 22.30
CA ILE C 114 -9.43 5.35 22.60
C ILE C 114 -8.69 4.56 21.54
N ASN C 115 -9.04 4.79 20.26
CA ASN C 115 -8.56 3.94 19.18
C ASN C 115 -7.11 4.23 18.81
N LEU C 116 -6.59 5.42 19.09
CA LEU C 116 -5.17 5.67 18.85
C LEU C 116 -4.40 5.90 20.14
N ASP C 117 -4.73 6.93 20.92
CA ASP C 117 -3.95 7.22 22.11
C ASP C 117 -3.90 6.01 23.04
N GLY C 118 -5.03 5.32 23.19
CA GLY C 118 -5.09 4.16 24.07
C GLY C 118 -4.22 3.03 23.58
N VAL C 119 -4.10 2.88 22.25
CA VAL C 119 -3.18 1.88 21.70
C VAL C 119 -1.74 2.30 21.95
N PHE C 120 -1.43 3.59 21.73
CA PHE C 120 -0.08 4.07 22.04
C PHE C 120 0.26 3.89 23.51
N TYR C 121 -0.67 4.24 24.42
CA TYR C 121 -0.37 4.09 25.85
C TYR C 121 -0.10 2.63 26.19
N GLY C 122 -0.91 1.73 25.63
CA GLY C 122 -0.65 0.32 25.82
C GLY C 122 0.72 -0.07 25.33
N CYS C 123 1.03 0.27 24.06
CA CYS C 123 2.35 -0.06 23.53
C CYS C 123 3.46 0.51 24.39
N LYS C 124 3.32 1.78 24.81
CA LYS C 124 4.37 2.40 25.61
C LYS C 124 4.68 1.58 26.83
N TYR C 125 3.68 1.28 27.64
CA TYR C 125 3.94 0.62 28.91
C TYR C 125 4.17 -0.87 28.75
N GLU C 126 3.61 -1.48 27.69
CA GLU C 126 3.95 -2.85 27.37
C GLU C 126 5.41 -2.98 26.98
N LEU C 127 5.88 -2.09 26.10
CA LEU C 127 7.27 -2.11 25.67
C LEU C 127 8.20 -1.93 26.86
N GLU C 128 7.86 -1.02 27.76
CA GLU C 128 8.76 -0.80 28.89
C GLU C 128 8.87 -2.03 29.76
N GLN C 129 7.76 -2.77 29.95
CA GLN C 129 7.87 -3.99 30.73
C GLN C 129 8.57 -5.10 29.95
N MET C 130 8.29 -5.21 28.65
CA MET C 130 8.91 -6.29 27.89
C MET C 130 10.43 -6.17 27.87
N GLU C 131 10.95 -4.94 27.84
CA GLU C 131 12.40 -4.78 27.90
C GLU C 131 12.98 -5.24 29.22
N LYS C 132 12.15 -5.41 30.24
CA LYS C 132 12.60 -5.92 31.53
C LYS C 132 12.54 -7.43 31.65
N ASN C 133 11.76 -8.12 30.82
CA ASN C 133 11.71 -9.58 30.91
C ASN C 133 12.05 -10.24 29.57
N GLY C 134 13.09 -9.75 28.90
CA GLY C 134 13.65 -10.47 27.77
C GLY C 134 12.94 -10.31 26.46
N GLY C 135 11.99 -9.41 26.37
CA GLY C 135 11.28 -9.15 25.13
C GLY C 135 9.82 -9.57 25.21
N GLY C 136 9.19 -9.64 24.03
CA GLY C 136 7.78 -9.97 23.98
C GLY C 136 7.21 -9.63 22.62
N VAL C 137 5.88 -9.74 22.53
CA VAL C 137 5.17 -9.59 21.26
C VAL C 137 3.90 -8.78 21.49
N ILE C 138 3.66 -7.79 20.63
CA ILE C 138 2.47 -6.94 20.67
C ILE C 138 1.67 -7.15 19.39
N VAL C 139 0.36 -7.26 19.51
CA VAL C 139 -0.55 -7.23 18.36
C VAL C 139 -1.47 -6.03 18.56
N ASN C 140 -1.49 -5.13 17.59
CA ASN C 140 -2.40 -4.00 17.62
C ASN C 140 -3.62 -4.30 16.76
N MET C 141 -4.81 -4.09 17.30
CA MET C 141 -6.02 -4.25 16.50
C MET C 141 -6.24 -3.01 15.66
N ALA C 142 -6.09 -3.14 14.35
CA ALA C 142 -6.44 -2.09 13.41
C ALA C 142 -7.78 -2.45 12.79
N SER C 143 -7.92 -2.46 11.48
CA SER C 143 -9.18 -2.61 10.76
C SER C 143 -8.80 -2.58 9.30
N ILE C 144 -9.72 -3.08 8.45
CA ILE C 144 -9.62 -2.71 7.03
C ILE C 144 -9.55 -1.20 6.89
N HIS C 145 -10.14 -0.47 7.83
CA HIS C 145 -10.15 0.98 7.72
C HIS C 145 -8.86 1.61 8.20
N GLY C 146 -7.84 0.79 8.46
CA GLY C 146 -6.47 1.27 8.47
C GLY C 146 -5.86 1.45 7.09
N ILE C 147 -6.51 0.94 6.04
CA ILE C 147 -6.01 1.15 4.69
C ILE C 147 -7.07 1.64 3.70
N VAL C 148 -8.38 1.54 3.97
CA VAL C 148 -9.41 2.10 3.10
C VAL C 148 -10.43 2.86 3.94
N ALA C 149 -11.15 3.76 3.28
CA ALA C 149 -12.07 4.65 3.99
C ALA C 149 -13.34 3.91 4.44
N ALA C 150 -13.95 4.45 5.51
CA ALA C 150 -15.28 4.05 5.97
C ALA C 150 -16.11 5.31 5.92
N PRO C 151 -16.81 5.58 4.81
CA PRO C 151 -17.59 6.81 4.71
C PRO C 151 -18.52 6.97 5.91
N LEU C 152 -18.52 8.18 6.47
CA LEU C 152 -19.24 8.65 7.66
C LEU C 152 -18.52 8.28 8.96
N SER C 153 -17.37 7.61 8.90
CA SER C 153 -16.59 7.27 10.09
C SER C 153 -15.16 7.78 9.96
N SER C 154 -15.01 9.08 9.70
CA SER C 154 -13.67 9.59 9.40
C SER C 154 -12.74 9.51 10.60
N ALA C 155 -13.25 9.68 11.82
CA ALA C 155 -12.39 9.57 12.98
C ALA C 155 -11.86 8.14 13.15
N TYR C 156 -12.74 7.15 12.93
CA TYR C 156 -12.34 5.76 13.04
C TYR C 156 -11.25 5.42 12.02
N THR C 157 -11.48 5.84 10.77
CA THR C 157 -10.51 5.57 9.71
C THR C 157 -9.17 6.23 10.00
N SER C 158 -9.21 7.47 10.47
CA SER C 158 -7.97 8.17 10.79
C SER C 158 -7.23 7.48 11.93
N ALA C 159 -7.95 7.10 12.99
CA ALA C 159 -7.31 6.41 14.11
C ALA C 159 -6.72 5.08 13.68
N LYS C 160 -7.44 4.31 12.86
CA LYS C 160 -6.95 2.98 12.49
C LYS C 160 -5.78 3.07 11.53
N HIS C 161 -5.80 4.04 10.60
CA HIS C 161 -4.61 4.35 9.83
C HIS C 161 -3.42 4.65 10.74
N ALA C 162 -3.65 5.48 11.77
CA ALA C 162 -2.56 5.83 12.69
C ALA C 162 -2.01 4.59 13.39
N VAL C 163 -2.88 3.62 13.72
CA VAL C 163 -2.41 2.40 14.39
C VAL C 163 -1.48 1.62 13.47
N VAL C 164 -1.79 1.60 12.16
CA VAL C 164 -0.90 0.93 11.21
C VAL C 164 0.48 1.59 11.23
N GLY C 165 0.50 2.93 11.23
CA GLY C 165 1.78 3.63 11.22
C GLY C 165 2.57 3.40 12.49
N LEU C 166 1.90 3.52 13.64
CA LEU C 166 2.54 3.24 14.93
C LEU C 166 3.14 1.84 14.94
N THR C 167 2.42 0.85 14.40
CA THR C 167 2.91 -0.52 14.35
C THR C 167 4.18 -0.63 13.51
N LYS C 168 4.19 0.01 12.32
CA LYS C 168 5.41 0.01 11.52
C LYS C 168 6.57 0.60 12.32
N ASN C 169 6.31 1.69 13.04
CA ASN C 169 7.38 2.34 13.79
C ASN C 169 7.92 1.43 14.89
N ILE C 170 7.03 0.79 15.65
CA ILE C 170 7.50 -0.04 16.75
C ILE C 170 8.26 -1.25 16.21
N GLY C 171 7.75 -1.86 15.15
CA GLY C 171 8.46 -2.98 14.57
C GLY C 171 9.87 -2.62 14.15
N ALA C 172 10.00 -1.48 13.46
CA ALA C 172 11.32 -1.04 13.01
C ALA C 172 12.22 -0.70 14.20
N GLU C 173 11.68 0.03 15.18
CA GLU C 173 12.51 0.49 16.30
C GLU C 173 12.98 -0.65 17.19
N TYR C 174 12.18 -1.69 17.35
CA TYR C 174 12.47 -2.73 18.34
C TYR C 174 12.94 -4.03 17.71
N GLY C 175 13.32 -4.01 16.42
CA GLY C 175 13.63 -5.23 15.71
C GLY C 175 14.77 -6.02 16.34
N GLN C 176 15.75 -5.31 16.91
CA GLN C 176 16.89 -5.99 17.53
C GLN C 176 16.79 -5.99 19.05
N LYS C 177 15.60 -5.77 19.59
CA LYS C 177 15.35 -5.77 21.03
C LYS C 177 14.44 -6.91 21.46
N ASN C 178 14.36 -7.97 20.65
CA ASN C 178 13.59 -9.18 20.97
C ASN C 178 12.10 -8.87 21.19
N ILE C 179 11.61 -7.84 20.52
CA ILE C 179 10.21 -7.46 20.59
C ILE C 179 9.69 -7.36 19.17
N ARG C 180 8.50 -7.94 18.93
CA ARG C 180 7.83 -7.81 17.64
C ARG C 180 6.50 -7.09 17.84
N CYS C 181 6.03 -6.40 16.80
CA CYS C 181 4.76 -5.69 16.85
C CYS C 181 4.12 -5.75 15.47
N ASN C 182 2.88 -6.23 15.40
CA ASN C 182 2.16 -6.33 14.14
C ASN C 182 0.73 -5.87 14.37
N ALA C 183 0.05 -5.50 13.28
CA ALA C 183 -1.34 -5.06 13.34
C ALA C 183 -2.22 -5.99 12.53
N VAL C 184 -3.45 -6.19 13.00
CA VAL C 184 -4.46 -7.03 12.35
C VAL C 184 -5.55 -6.12 11.80
N GLY C 185 -6.02 -6.44 10.59
CA GLY C 185 -7.03 -5.64 9.94
C GLY C 185 -8.28 -6.44 9.61
N PRO C 186 -9.19 -6.57 10.58
CA PRO C 186 -10.46 -7.24 10.27
C PRO C 186 -11.37 -6.40 9.41
N ALA C 187 -12.15 -7.10 8.58
CA ALA C 187 -13.29 -6.46 7.94
C ALA C 187 -14.45 -6.47 8.93
N TYR C 188 -15.68 -6.53 8.43
CA TYR C 188 -16.83 -6.49 9.31
C TYR C 188 -17.08 -7.85 9.92
N ILE C 189 -17.24 -7.87 11.24
CA ILE C 189 -17.29 -9.08 12.05
C ILE C 189 -18.65 -9.15 12.71
N GLU C 190 -19.30 -10.31 12.62
CA GLU C 190 -20.62 -10.52 13.20
C GLU C 190 -20.46 -10.61 14.72
N THR C 191 -20.81 -9.52 15.39
CA THR C 191 -20.86 -9.44 16.84
C THR C 191 -22.15 -8.69 17.23
N PRO C 192 -22.54 -8.69 18.50
CA PRO C 192 -23.70 -7.88 18.91
C PRO C 192 -23.57 -6.38 18.64
N LEU C 193 -22.41 -5.89 18.17
CA LEU C 193 -22.30 -4.47 17.83
C LEU C 193 -23.13 -4.11 16.61
N LEU C 194 -23.19 -5.03 15.63
CA LEU C 194 -23.98 -4.82 14.43
C LEU C 194 -25.43 -5.26 14.60
N GLU C 195 -25.92 -5.28 15.85
CA GLU C 195 -27.27 -5.75 16.14
C GLU C 195 -28.32 -4.83 15.52
N SER C 196 -28.07 -3.52 15.53
CA SER C 196 -29.09 -2.57 15.13
C SER C 196 -29.31 -2.53 13.61
N LEU C 197 -28.43 -3.12 12.82
CA LEU C 197 -28.58 -3.07 11.37
C LEU C 197 -29.79 -3.88 10.93
N THR C 198 -30.58 -3.32 10.01
CA THR C 198 -31.62 -4.10 9.38
C THR C 198 -30.99 -5.23 8.56
N LYS C 199 -31.81 -6.21 8.20
CA LYS C 199 -31.33 -7.29 7.33
C LYS C 199 -30.82 -6.74 6.01
N GLU C 200 -31.52 -5.74 5.46
CA GLU C 200 -31.05 -5.09 4.24
C GLU C 200 -29.69 -4.43 4.44
N MET C 201 -29.49 -3.74 5.57
CA MET C 201 -28.19 -3.10 5.83
C MET C 201 -27.09 -4.14 5.95
N LYS C 202 -27.34 -5.24 6.65
CA LYS C 202 -26.31 -6.27 6.77
C LYS C 202 -26.04 -6.92 5.40
N GLU C 203 -27.08 -7.11 4.60
CA GLU C 203 -26.87 -7.65 3.26
C GLU C 203 -26.00 -6.71 2.43
N ALA C 204 -26.16 -5.39 2.60
CA ALA C 204 -25.32 -4.45 1.89
C ALA C 204 -23.86 -4.55 2.36
N LEU C 205 -23.66 -4.68 3.68
CA LEU C 205 -22.32 -4.90 4.22
C LEU C 205 -21.71 -6.18 3.64
N ILE C 206 -22.50 -7.26 3.64
CA ILE C 206 -22.00 -8.55 3.18
C ILE C 206 -21.59 -8.46 1.72
N SER C 207 -22.32 -7.66 0.94
CA SER C 207 -22.01 -7.54 -0.49
C SER C 207 -20.63 -6.92 -0.73
N LYS C 208 -20.04 -6.27 0.27
CA LYS C 208 -18.70 -5.69 0.13
C LYS C 208 -17.59 -6.68 0.47
N HIS C 209 -17.94 -7.90 0.90
CA HIS C 209 -16.98 -8.95 1.19
C HIS C 209 -17.08 -10.04 0.12
N PRO C 210 -16.05 -10.24 -0.71
CA PRO C 210 -16.12 -11.29 -1.74
C PRO C 210 -16.44 -12.67 -1.21
N MET C 211 -16.10 -13.00 0.03
CA MET C 211 -16.44 -14.29 0.59
C MET C 211 -17.92 -14.44 0.92
N GLY C 212 -18.73 -13.39 0.77
CA GLY C 212 -20.18 -13.53 0.84
C GLY C 212 -20.77 -13.69 2.22
N ARG C 213 -20.02 -13.30 3.25
CA ARG C 213 -20.47 -13.36 4.63
C ARG C 213 -19.60 -12.39 5.43
N LEU C 214 -20.05 -12.08 6.65
CA LEU C 214 -19.21 -11.40 7.62
C LEU C 214 -18.28 -12.40 8.30
N GLY C 215 -17.21 -11.89 8.90
CA GLY C 215 -16.30 -12.75 9.61
C GLY C 215 -16.79 -13.03 11.03
N LYS C 216 -16.17 -14.02 11.66
CA LYS C 216 -16.46 -14.35 13.06
C LYS C 216 -15.31 -13.91 13.96
N PRO C 217 -15.61 -13.55 15.22
CA PRO C 217 -14.51 -13.13 16.12
C PRO C 217 -13.43 -14.18 16.26
N GLU C 218 -13.81 -15.46 16.28
CA GLU C 218 -12.83 -16.54 16.38
C GLU C 218 -11.85 -16.54 15.21
N GLU C 219 -12.31 -16.12 14.03
CA GLU C 219 -11.41 -16.12 12.87
C GLU C 219 -10.38 -15.00 12.96
N VAL C 220 -10.76 -13.86 13.57
CA VAL C 220 -9.77 -12.83 13.86
C VAL C 220 -8.80 -13.33 14.93
N ALA C 221 -9.32 -14.01 15.94
CA ALA C 221 -8.48 -14.45 17.05
C ALA C 221 -7.44 -15.46 16.60
N GLU C 222 -7.74 -16.29 15.58
CA GLU C 222 -6.73 -17.21 15.09
C GLU C 222 -5.53 -16.47 14.52
N LEU C 223 -5.77 -15.38 13.80
CA LEU C 223 -4.67 -14.59 13.27
C LEU C 223 -3.90 -13.91 14.40
N VAL C 224 -4.62 -13.36 15.38
CA VAL C 224 -3.94 -12.75 16.54
C VAL C 224 -3.07 -13.79 17.24
N LEU C 225 -3.61 -14.99 17.44
CA LEU C 225 -2.84 -16.04 18.10
C LEU C 225 -1.57 -16.36 17.34
N PHE C 226 -1.68 -16.51 16.01
CA PHE C 226 -0.50 -16.80 15.20
C PHE C 226 0.55 -15.70 15.34
N LEU C 227 0.12 -14.44 15.26
CA LEU C 227 1.04 -13.31 15.36
C LEU C 227 1.57 -13.11 16.77
N SER C 228 0.96 -13.71 17.78
CA SER C 228 1.42 -13.63 19.17
C SER C 228 2.36 -14.75 19.55
N SER C 229 2.43 -15.79 18.73
CA SER C 229 3.18 -17.00 19.00
C SER C 229 4.55 -16.94 18.34
N GLU C 230 5.40 -17.90 18.70
CA GLU C 230 6.72 -17.99 18.10
C GLU C 230 6.66 -18.44 16.65
N LYS C 231 5.50 -18.89 16.16
CA LYS C 231 5.40 -19.28 14.76
C LYS C 231 5.65 -18.09 13.83
N SER C 232 5.29 -16.88 14.28
CA SER C 232 5.49 -15.67 13.48
C SER C 232 6.82 -14.97 13.75
N SER C 233 7.88 -15.73 14.08
CA SER C 233 9.13 -15.15 14.59
C SER C 233 9.85 -14.21 13.63
N PHE C 234 9.61 -14.25 12.31
CA PHE C 234 10.27 -13.30 11.41
C PHE C 234 9.30 -12.23 10.92
N MET C 235 8.20 -12.01 11.63
CA MET C 235 7.16 -11.08 11.20
C MET C 235 7.08 -9.93 12.19
N THR C 236 7.38 -8.72 11.71
CA THR C 236 7.28 -7.54 12.57
C THR C 236 7.04 -6.31 11.71
N GLY C 237 6.38 -5.31 12.31
CA GLY C 237 6.01 -4.08 11.65
C GLY C 237 4.92 -4.21 10.62
N GLY C 238 4.33 -5.39 10.46
CA GLY C 238 3.42 -5.65 9.36
C GLY C 238 1.95 -5.49 9.70
N TYR C 239 1.17 -5.37 8.64
CA TYR C 239 -0.28 -5.24 8.68
C TYR C 239 -0.89 -6.44 8.00
N TYR C 240 -1.77 -7.14 8.71
CA TYR C 240 -2.24 -8.46 8.29
C TYR C 240 -3.75 -8.47 8.22
N LEU C 241 -4.28 -8.59 7.00
CA LEU C 241 -5.72 -8.56 6.77
C LEU C 241 -6.41 -9.82 7.23
N VAL C 242 -7.60 -9.66 7.76
CA VAL C 242 -8.50 -10.81 7.88
C VAL C 242 -9.87 -10.28 7.46
N ASP C 243 -10.07 -10.19 6.13
CA ASP C 243 -11.08 -9.30 5.59
C ASP C 243 -12.03 -9.94 4.58
N GLY C 244 -12.00 -11.26 4.41
CA GLY C 244 -12.91 -11.90 3.46
C GLY C 244 -12.80 -11.36 2.05
N GLY C 245 -11.66 -10.77 1.70
CA GLY C 245 -11.46 -10.19 0.39
C GLY C 245 -11.86 -8.73 0.23
N TYR C 246 -12.31 -8.07 1.30
CA TYR C 246 -12.87 -6.72 1.20
C TYR C 246 -11.95 -5.76 0.46
N THR C 247 -10.66 -5.76 0.80
CA THR C 247 -9.71 -4.81 0.23
C THR C 247 -9.04 -5.33 -1.04
N ALA C 248 -9.36 -6.55 -1.49
CA ALA C 248 -8.79 -7.03 -2.73
C ALA C 248 -9.37 -6.31 -3.96
N VAL C 249 -10.54 -5.68 -3.83
CA VAL C 249 -11.20 -5.00 -4.94
C VAL C 249 -11.28 -3.50 -4.72
N GLY D 2 -3.30 32.98 -14.90
CA GLY D 2 -2.89 31.92 -13.98
C GLY D 2 -3.94 30.84 -13.84
N ILE D 3 -3.50 29.62 -13.48
CA ILE D 3 -4.45 28.51 -13.47
C ILE D 3 -5.37 28.51 -12.26
N LEU D 4 -5.14 29.42 -11.31
CA LEU D 4 -6.04 29.60 -10.17
C LEU D 4 -6.61 31.01 -10.14
N ASP D 5 -6.79 31.64 -11.29
CA ASP D 5 -7.12 33.05 -11.32
C ASP D 5 -8.39 33.33 -10.51
N ASN D 6 -8.25 34.21 -9.51
CA ASN D 6 -9.33 34.70 -8.66
C ASN D 6 -9.95 33.62 -7.79
N LYS D 7 -9.35 32.44 -7.70
CA LYS D 7 -9.72 31.49 -6.66
C LYS D 7 -9.20 32.00 -5.32
N VAL D 8 -9.99 31.78 -4.25
CA VAL D 8 -9.58 32.15 -2.90
C VAL D 8 -8.98 30.92 -2.25
N ALA D 9 -7.72 31.03 -1.84
CA ALA D 9 -6.94 29.88 -1.37
C ALA D 9 -6.34 30.17 -0.01
N LEU D 10 -6.58 29.26 0.94
CA LEU D 10 -6.04 29.35 2.29
C LEU D 10 -4.86 28.39 2.44
N VAL D 11 -3.78 28.87 3.08
CA VAL D 11 -2.62 28.02 3.36
C VAL D 11 -2.27 28.16 4.84
N THR D 12 -2.24 27.05 5.57
CA THR D 12 -1.80 27.11 6.97
C THR D 12 -0.30 26.84 7.05
N GLY D 13 0.32 27.38 8.11
CA GLY D 13 1.77 27.28 8.23
C GLY D 13 2.49 27.91 7.06
N ALA D 14 1.98 29.03 6.55
CA ALA D 14 2.46 29.57 5.30
C ALA D 14 3.60 30.56 5.49
N GLY D 15 4.12 30.70 6.72
CA GLY D 15 5.21 31.61 6.97
C GLY D 15 6.59 31.11 6.58
N SER D 16 6.73 29.81 6.29
CA SER D 16 8.06 29.26 6.03
C SER D 16 7.94 27.94 5.29
N GLY D 17 9.06 27.50 4.71
CA GLY D 17 9.16 26.14 4.19
C GLY D 17 8.16 25.84 3.10
N ILE D 18 7.57 24.64 3.18
CA ILE D 18 6.65 24.18 2.14
C ILE D 18 5.44 25.10 2.06
N GLY D 19 4.90 25.49 3.21
CA GLY D 19 3.71 26.34 3.19
C GLY D 19 3.95 27.68 2.52
N LEU D 20 5.13 28.26 2.73
CA LEU D 20 5.47 29.52 2.07
C LEU D 20 5.57 29.32 0.56
N ALA D 21 6.18 28.21 0.13
CA ALA D 21 6.28 27.93 -1.29
C ALA D 21 4.91 27.70 -1.91
N VAL D 22 4.00 27.04 -1.18
CA VAL D 22 2.64 26.85 -1.67
C VAL D 22 1.94 28.19 -1.82
N ALA D 23 2.05 29.05 -0.82
CA ALA D 23 1.41 30.36 -0.89
C ALA D 23 1.93 31.16 -2.07
N HIS D 24 3.26 31.12 -2.30
CA HIS D 24 3.80 31.82 -3.45
C HIS D 24 3.31 31.23 -4.76
N SER D 25 3.24 29.89 -4.83
CA SER D 25 2.78 29.22 -6.04
C SER D 25 1.33 29.56 -6.33
N TYR D 26 0.48 29.51 -5.31
CA TYR D 26 -0.91 29.87 -5.47
C TYR D 26 -1.05 31.30 -5.99
N ALA D 27 -0.33 32.23 -5.37
CA ALA D 27 -0.46 33.64 -5.75
C ALA D 27 0.07 33.91 -7.15
N LYS D 28 1.15 33.22 -7.53
CA LYS D 28 1.71 33.36 -8.88
C LYS D 28 0.71 32.94 -9.94
N GLU D 29 -0.15 31.96 -9.62
CA GLU D 29 -1.18 31.47 -10.53
C GLU D 29 -2.50 32.21 -10.35
N GLY D 30 -2.48 33.37 -9.69
CA GLY D 30 -3.62 34.26 -9.68
C GLY D 30 -4.60 34.09 -8.54
N ALA D 31 -4.29 33.23 -7.58
CA ALA D 31 -5.20 33.08 -6.44
C ALA D 31 -5.10 34.26 -5.49
N LYS D 32 -6.19 34.51 -4.76
CA LYS D 32 -6.18 35.44 -3.65
C LYS D 32 -5.89 34.62 -2.40
N VAL D 33 -4.71 34.80 -1.81
CA VAL D 33 -4.19 33.85 -0.83
C VAL D 33 -4.37 34.41 0.57
N ILE D 34 -4.98 33.62 1.45
CA ILE D 34 -4.90 33.87 2.88
C ILE D 34 -3.68 33.12 3.39
N VAL D 35 -2.67 33.87 3.81
CA VAL D 35 -1.49 33.33 4.45
C VAL D 35 -1.79 33.23 5.94
N SER D 36 -1.82 31.99 6.47
CA SER D 36 -2.01 31.80 7.90
C SER D 36 -0.76 31.19 8.51
N ASP D 37 -0.43 31.65 9.70
CA ASP D 37 0.70 31.13 10.46
C ASP D 37 0.48 31.51 11.91
N ILE D 38 1.09 30.74 12.81
CA ILE D 38 1.07 31.09 14.23
C ILE D 38 2.02 32.22 14.54
N ASN D 39 2.94 32.54 13.62
CA ASN D 39 3.96 33.56 13.80
C ASN D 39 3.63 34.77 12.92
N GLU D 40 3.20 35.86 13.55
CA GLU D 40 2.77 37.04 12.79
C GLU D 40 3.92 37.63 11.97
N ASP D 41 5.14 37.63 12.50
CA ASP D 41 6.27 38.17 11.75
C ASP D 41 6.47 37.43 10.44
N HIS D 42 6.48 36.09 10.50
CA HIS D 42 6.64 35.29 9.28
C HIS D 42 5.47 35.49 8.33
N GLY D 43 4.24 35.47 8.85
CA GLY D 43 3.08 35.59 7.99
C GLY D 43 3.01 36.93 7.29
N ASN D 44 3.22 38.01 8.04
CA ASN D 44 3.19 39.34 7.43
C ASN D 44 4.29 39.52 6.39
N LYS D 45 5.47 38.95 6.65
CA LYS D 45 6.56 39.01 5.68
C LYS D 45 6.22 38.21 4.41
N ALA D 46 5.56 37.07 4.57
CA ALA D 46 5.16 36.30 3.40
C ALA D 46 4.20 37.09 2.52
N VAL D 47 3.22 37.76 3.13
CA VAL D 47 2.25 38.56 2.38
C VAL D 47 2.97 39.68 1.64
N GLU D 48 3.86 40.40 2.33
CA GLU D 48 4.64 41.46 1.70
C GLU D 48 5.41 40.94 0.49
N ASP D 49 6.05 39.78 0.62
CA ASP D 49 6.82 39.22 -0.49
C ASP D 49 5.92 38.78 -1.64
N ILE D 50 4.75 38.21 -1.33
CA ILE D 50 3.82 37.83 -2.37
C ILE D 50 3.35 39.05 -3.16
N LYS D 51 3.02 40.12 -2.44
CA LYS D 51 2.57 41.35 -3.10
C LYS D 51 3.68 41.96 -3.96
N ALA D 52 4.92 41.89 -3.49
CA ALA D 52 6.03 42.46 -4.26
C ALA D 52 6.30 41.70 -5.55
N GLN D 53 5.84 40.45 -5.65
CA GLN D 53 5.96 39.68 -6.87
C GLN D 53 4.71 39.77 -7.75
N GLY D 54 3.77 40.65 -7.40
CA GLY D 54 2.61 40.91 -8.21
C GLY D 54 1.35 40.20 -7.76
N GLY D 55 1.39 39.44 -6.68
CA GLY D 55 0.26 38.64 -6.26
C GLY D 55 -0.59 39.31 -5.18
N GLU D 56 -1.67 38.63 -4.85
CA GLU D 56 -2.65 39.10 -3.87
C GLU D 56 -2.66 38.18 -2.66
N ALA D 57 -2.51 38.76 -1.47
CA ALA D 57 -2.53 37.94 -0.27
C ALA D 57 -2.87 38.81 0.93
N SER D 58 -3.34 38.15 1.99
CA SER D 58 -3.62 38.78 3.27
C SER D 58 -3.26 37.81 4.38
N PHE D 59 -2.86 38.33 5.53
CA PHE D 59 -2.43 37.50 6.65
C PHE D 59 -3.53 37.34 7.68
N VAL D 60 -3.73 36.10 8.16
CA VAL D 60 -4.62 35.83 9.28
C VAL D 60 -3.92 34.85 10.22
N LYS D 61 -3.72 35.26 11.46
CA LYS D 61 -3.02 34.44 12.44
C LYS D 61 -3.92 33.31 12.93
N ALA D 62 -3.35 32.11 13.07
CA ALA D 62 -4.10 31.00 13.63
C ALA D 62 -3.14 29.94 14.15
N ASP D 63 -3.51 29.34 15.28
CA ASP D 63 -2.92 28.11 15.80
C ASP D 63 -3.87 26.97 15.42
N THR D 64 -3.41 26.10 14.50
CA THR D 64 -4.31 25.07 13.98
C THR D 64 -4.68 24.01 15.02
N SER D 65 -3.98 23.94 16.15
CA SER D 65 -4.41 23.03 17.21
C SER D 65 -5.62 23.56 17.98
N ASN D 66 -6.02 24.81 17.71
CA ASN D 66 -7.16 25.45 18.37
C ASN D 66 -8.35 25.50 17.41
N PRO D 67 -9.38 24.67 17.61
CA PRO D 67 -10.47 24.63 16.62
C PRO D 67 -11.24 25.94 16.50
N GLU D 68 -11.37 26.69 17.60
CA GLU D 68 -11.99 28.02 17.51
C GLU D 68 -11.22 28.93 16.56
N GLU D 69 -9.88 28.89 16.63
CA GLU D 69 -9.08 29.72 15.75
C GLU D 69 -9.14 29.24 14.31
N VAL D 70 -9.26 27.93 14.07
CA VAL D 70 -9.38 27.45 12.70
C VAL D 70 -10.73 27.84 12.11
N GLU D 71 -11.80 27.69 12.88
CA GLU D 71 -13.11 28.13 12.39
C GLU D 71 -13.09 29.63 12.10
N ALA D 72 -12.45 30.41 12.98
CA ALA D 72 -12.35 31.86 12.79
C ALA D 72 -11.49 32.20 11.58
N LEU D 73 -10.48 31.37 11.28
CA LEU D 73 -9.63 31.60 10.11
C LEU D 73 -10.44 31.47 8.82
N VAL D 74 -11.30 30.47 8.73
CA VAL D 74 -12.16 30.31 7.56
C VAL D 74 -13.15 31.46 7.48
N LYS D 75 -13.72 31.85 8.62
CA LYS D 75 -14.66 32.97 8.64
C LYS D 75 -13.99 34.26 8.18
N ARG D 76 -12.76 34.50 8.63
CA ARG D 76 -12.03 35.70 8.23
C ARG D 76 -11.69 35.66 6.75
N THR D 77 -11.32 34.49 6.22
CA THR D 77 -11.14 34.33 4.78
C THR D 77 -12.35 34.80 4.00
N VAL D 78 -13.54 34.42 4.47
CA VAL D 78 -14.77 34.80 3.78
C VAL D 78 -15.05 36.29 3.95
N GLU D 79 -14.70 36.86 5.10
CA GLU D 79 -14.86 38.31 5.29
C GLU D 79 -13.96 39.08 4.35
N ILE D 80 -12.74 38.60 4.12
CA ILE D 80 -11.77 39.34 3.31
C ILE D 80 -12.03 39.15 1.83
N TYR D 81 -12.22 37.90 1.37
CA TYR D 81 -12.27 37.62 -0.05
C TYR D 81 -13.58 37.00 -0.51
N GLY D 82 -14.55 36.80 0.38
CA GLY D 82 -15.91 36.51 -0.02
C GLY D 82 -16.30 35.05 -0.11
N ARG D 83 -15.34 34.12 -0.11
CA ARG D 83 -15.63 32.72 -0.37
C ARG D 83 -14.35 31.96 -0.06
N LEU D 84 -14.42 30.63 -0.12
CA LEU D 84 -13.26 29.77 0.02
C LEU D 84 -13.29 28.71 -1.06
N ASP D 85 -12.26 28.71 -1.92
CA ASP D 85 -12.20 27.78 -3.05
C ASP D 85 -11.18 26.68 -2.89
N ILE D 86 -10.08 26.96 -2.20
CA ILE D 86 -8.93 26.07 -2.11
C ILE D 86 -8.38 26.17 -0.69
N ALA D 87 -8.00 25.04 -0.11
CA ALA D 87 -7.31 25.09 1.18
C ALA D 87 -6.18 24.07 1.21
N CYS D 88 -5.02 24.48 1.70
CA CYS D 88 -3.89 23.60 1.94
C CYS D 88 -3.61 23.54 3.43
N ASN D 89 -3.85 22.38 4.02
CA ASN D 89 -3.63 22.17 5.45
C ASN D 89 -2.21 21.65 5.62
N ASN D 90 -1.30 22.58 5.90
CA ASN D 90 0.13 22.33 5.82
C ASN D 90 0.83 22.40 7.17
N ALA D 91 0.32 23.20 8.11
CA ALA D 91 1.06 23.45 9.35
C ALA D 91 1.34 22.15 10.08
N GLY D 92 2.57 21.98 10.54
CA GLY D 92 2.94 20.76 11.24
C GLY D 92 4.19 20.98 12.05
N ILE D 93 4.48 20.02 12.94
CA ILE D 93 5.68 20.02 13.76
C ILE D 93 6.33 18.64 13.73
N GLY D 94 7.65 18.60 13.89
CA GLY D 94 8.35 17.34 13.78
C GLY D 94 8.25 16.48 15.02
N GLY D 95 8.25 17.10 16.19
CA GLY D 95 8.13 16.39 17.46
C GLY D 95 9.47 15.91 18.01
N GLU D 96 9.44 15.50 19.27
CA GLU D 96 10.63 14.93 19.89
C GLU D 96 11.00 13.61 19.21
N GLN D 97 12.28 13.25 19.32
CA GLN D 97 12.77 11.98 18.82
C GLN D 97 13.07 11.06 20.01
N ALA D 98 12.38 9.93 20.06
CA ALA D 98 12.56 8.95 21.12
C ALA D 98 11.95 7.63 20.65
N LEU D 99 12.47 6.53 21.18
CA LEU D 99 11.81 5.24 20.98
C LEU D 99 10.38 5.30 21.51
N ALA D 100 9.49 4.52 20.89
CA ALA D 100 8.09 4.55 21.27
C ALA D 100 7.90 4.32 22.77
N GLY D 101 8.63 3.37 23.36
CA GLY D 101 8.50 3.13 24.78
C GLY D 101 8.94 4.31 25.63
N ASP D 102 9.85 5.13 25.10
CA ASP D 102 10.36 6.30 25.81
C ASP D 102 9.62 7.58 25.46
N TYR D 103 8.62 7.50 24.58
CA TYR D 103 8.01 8.72 24.04
C TYR D 103 7.18 9.42 25.12
N GLY D 104 7.35 10.73 25.21
CA GLY D 104 6.65 11.49 26.23
C GLY D 104 5.16 11.53 25.98
N LEU D 105 4.39 11.44 27.08
CA LEU D 105 2.94 11.53 26.99
C LEU D 105 2.50 12.86 26.37
N ASP D 106 3.00 13.96 26.89
CA ASP D 106 2.59 15.26 26.35
C ASP D 106 3.18 15.50 24.96
N SER D 107 4.41 15.02 24.72
CA SER D 107 4.99 15.15 23.39
C SER D 107 4.14 14.44 22.36
N TRP D 108 3.66 13.24 22.69
CA TRP D 108 2.78 12.51 21.79
C TRP D 108 1.52 13.32 21.46
N ARG D 109 0.84 13.83 22.49
CA ARG D 109 -0.37 14.59 22.23
C ARG D 109 -0.09 15.87 21.46
N LYS D 110 1.05 16.53 21.71
CA LYS D 110 1.34 17.77 20.98
C LYS D 110 1.49 17.51 19.49
N VAL D 111 2.18 16.43 19.12
CA VAL D 111 2.36 16.13 17.70
C VAL D 111 1.03 15.78 17.06
N LEU D 112 0.21 14.96 17.72
CA LEU D 112 -1.07 14.61 17.14
C LEU D 112 -2.00 15.81 17.06
N SER D 113 -1.92 16.72 18.04
CA SER D 113 -2.86 17.85 18.04
C SER D 113 -2.63 18.77 16.85
N ILE D 114 -1.37 19.02 16.49
CA ILE D 114 -1.08 19.88 15.34
C ILE D 114 -1.18 19.10 14.03
N ASN D 115 -0.48 17.96 13.97
CA ASN D 115 -0.31 17.27 12.69
C ASN D 115 -1.55 16.49 12.27
N LEU D 116 -2.42 16.11 13.19
CA LEU D 116 -3.66 15.45 12.81
C LEU D 116 -4.88 16.29 13.17
N ASP D 117 -5.07 16.65 14.46
CA ASP D 117 -6.29 17.34 14.84
C ASP D 117 -6.42 18.66 14.08
N GLY D 118 -5.30 19.40 13.94
CA GLY D 118 -5.36 20.67 13.20
C GLY D 118 -5.74 20.49 11.74
N VAL D 119 -5.31 19.39 11.13
CA VAL D 119 -5.73 19.08 9.77
C VAL D 119 -7.22 18.75 9.74
N PHE D 120 -7.71 18.00 10.75
CA PHE D 120 -9.13 17.72 10.79
C PHE D 120 -9.95 18.98 11.01
N TYR D 121 -9.56 19.83 11.98
CA TYR D 121 -10.27 21.09 12.18
C TYR D 121 -10.30 21.91 10.89
N GLY D 122 -9.16 22.01 10.22
CA GLY D 122 -9.14 22.71 8.94
C GLY D 122 -10.14 22.13 7.97
N CYS D 123 -10.06 20.82 7.72
CA CYS D 123 -11.00 20.20 6.78
C CYS D 123 -12.44 20.42 7.20
N LYS D 124 -12.73 20.31 8.50
CA LYS D 124 -14.11 20.46 8.95
C LYS D 124 -14.66 21.83 8.59
N TYR D 125 -13.96 22.90 8.97
CA TYR D 125 -14.51 24.23 8.74
C TYR D 125 -14.34 24.67 7.29
N GLU D 126 -13.33 24.13 6.60
CA GLU D 126 -13.22 24.36 5.15
C GLU D 126 -14.39 23.74 4.39
N LEU D 127 -14.69 22.47 4.68
CA LEU D 127 -15.81 21.81 4.02
C LEU D 127 -17.12 22.54 4.28
N GLU D 128 -17.34 22.97 5.53
CA GLU D 128 -18.51 23.76 5.88
C GLU D 128 -18.70 24.93 4.92
N GLN D 129 -17.62 25.70 4.71
CA GLN D 129 -17.71 26.88 3.86
C GLN D 129 -17.80 26.49 2.40
N MET D 130 -17.06 25.46 1.97
CA MET D 130 -17.10 25.11 0.56
C MET D 130 -18.49 24.69 0.12
N GLU D 131 -19.23 23.99 0.99
CA GLU D 131 -20.60 23.63 0.65
C GLU D 131 -21.49 24.85 0.47
N LYS D 132 -21.14 25.97 1.09
CA LYS D 132 -21.90 27.21 0.92
C LYS D 132 -21.56 27.96 -0.35
N ASN D 133 -20.40 27.75 -0.97
CA ASN D 133 -20.09 28.49 -2.18
C ASN D 133 -19.72 27.60 -3.36
N GLY D 134 -20.46 26.48 -3.53
CA GLY D 134 -20.39 25.71 -4.75
C GLY D 134 -19.33 24.64 -4.82
N GLY D 135 -18.60 24.39 -3.74
CA GLY D 135 -17.59 23.35 -3.72
C GLY D 135 -16.21 23.94 -3.54
N GLY D 136 -15.19 23.11 -3.79
CA GLY D 136 -13.83 23.55 -3.56
C GLY D 136 -12.89 22.35 -3.58
N VAL D 137 -11.62 22.63 -3.26
CA VAL D 137 -10.57 21.63 -3.31
C VAL D 137 -9.70 21.77 -2.08
N ILE D 138 -9.40 20.65 -1.43
CA ILE D 138 -8.53 20.60 -0.25
C ILE D 138 -7.30 19.76 -0.55
N VAL D 139 -6.12 20.26 -0.15
CA VAL D 139 -4.89 19.45 -0.16
C VAL D 139 -4.40 19.34 1.29
N ASN D 140 -4.21 18.11 1.75
CA ASN D 140 -3.68 17.85 3.08
C ASN D 140 -2.21 17.50 2.97
N MET D 141 -1.38 18.14 3.79
CA MET D 141 0.05 17.83 3.77
C MET D 141 0.29 16.62 4.64
N ALA D 142 0.66 15.50 4.04
CA ALA D 142 1.05 14.31 4.79
C ALA D 142 2.58 14.20 4.74
N SER D 143 3.16 13.09 4.36
CA SER D 143 4.58 12.82 4.43
C SER D 143 4.76 11.43 3.84
N ILE D 144 5.99 11.12 3.41
CA ILE D 144 6.35 9.72 3.23
C ILE D 144 5.99 8.92 4.48
N HIS D 145 6.02 9.56 5.64
CA HIS D 145 5.72 8.86 6.89
C HIS D 145 4.23 8.74 7.15
N GLY D 146 3.42 9.08 6.14
CA GLY D 146 2.06 8.56 6.05
C GLY D 146 1.96 7.15 5.52
N ILE D 147 3.05 6.57 5.00
CA ILE D 147 2.98 5.19 4.52
C ILE D 147 4.18 4.33 4.98
N VAL D 148 5.27 4.95 5.45
CA VAL D 148 6.39 4.20 6.01
C VAL D 148 6.84 4.84 7.33
N ALA D 149 7.49 4.02 8.15
CA ALA D 149 7.92 4.44 9.48
C ALA D 149 9.05 5.47 9.44
N ALA D 150 9.09 6.29 10.50
CA ALA D 150 10.21 7.19 10.79
C ALA D 150 10.68 6.81 12.18
N PRO D 151 11.64 5.88 12.27
CA PRO D 151 12.12 5.47 13.59
C PRO D 151 12.51 6.67 14.44
N LEU D 152 12.07 6.65 15.69
CA LEU D 152 12.19 7.67 16.75
C LEU D 152 11.14 8.74 16.60
N SER D 153 10.28 8.69 15.58
CA SER D 153 9.22 9.69 15.41
C SER D 153 7.85 9.00 15.26
N SER D 154 7.50 8.16 16.24
CA SER D 154 6.25 7.40 16.11
C SER D 154 5.02 8.29 16.12
N ALA D 155 5.04 9.40 16.87
CA ALA D 155 3.85 10.26 16.90
C ALA D 155 3.64 10.92 15.54
N TYR D 156 4.72 11.40 14.92
CA TYR D 156 4.63 12.00 13.60
C TYR D 156 4.12 11.00 12.57
N THR D 157 4.68 9.79 12.59
CA THR D 157 4.25 8.76 11.64
C THR D 157 2.77 8.43 11.84
N SER D 158 2.36 8.30 13.10
CA SER D 158 0.96 7.99 13.39
C SER D 158 0.05 9.11 12.90
N ALA D 159 0.43 10.36 13.17
CA ALA D 159 -0.38 11.49 12.73
C ALA D 159 -0.48 11.55 11.22
N LYS D 160 0.64 11.33 10.52
CA LYS D 160 0.63 11.45 9.07
C LYS D 160 -0.11 10.29 8.41
N HIS D 161 0.00 9.08 8.97
CA HIS D 161 -0.87 7.98 8.53
C HIS D 161 -2.34 8.38 8.68
N ALA D 162 -2.69 8.97 9.83
CA ALA D 162 -4.08 9.36 10.05
C ALA D 162 -4.53 10.39 9.02
N VAL D 163 -3.64 11.30 8.62
CA VAL D 163 -4.01 12.30 7.60
C VAL D 163 -4.35 11.60 6.28
N VAL D 164 -3.61 10.55 5.94
CA VAL D 164 -3.91 9.79 4.73
C VAL D 164 -5.30 9.20 4.82
N GLY D 165 -5.64 8.60 5.97
CA GLY D 165 -6.96 8.00 6.12
C GLY D 165 -8.07 9.03 6.07
N LEU D 166 -7.87 10.17 6.74
CA LEU D 166 -8.87 11.23 6.72
C LEU D 166 -9.11 11.70 5.29
N THR D 167 -8.03 11.82 4.50
CA THR D 167 -8.13 12.25 3.12
C THR D 167 -8.95 11.26 2.28
N LYS D 168 -8.70 9.97 2.46
CA LYS D 168 -9.52 8.97 1.77
C LYS D 168 -10.99 9.14 2.13
N ASN D 169 -11.27 9.37 3.42
CA ASN D 169 -12.67 9.48 3.84
C ASN D 169 -13.34 10.70 3.21
N ILE D 170 -12.67 11.87 3.25
CA ILE D 170 -13.27 13.08 2.71
C ILE D 170 -13.47 12.94 1.20
N GLY D 171 -12.48 12.42 0.49
CA GLY D 171 -12.63 12.21 -0.94
C GLY D 171 -13.81 11.32 -1.29
N ALA D 172 -13.98 10.20 -0.57
CA ALA D 172 -15.11 9.31 -0.84
C ALA D 172 -16.43 9.97 -0.47
N GLU D 173 -16.48 10.65 0.67
CA GLU D 173 -17.74 11.23 1.16
C GLU D 173 -18.23 12.36 0.27
N TYR D 174 -17.32 13.16 -0.29
CA TYR D 174 -17.71 14.39 -0.97
C TYR D 174 -17.60 14.29 -2.49
N GLY D 175 -17.46 13.07 -3.02
CA GLY D 175 -17.23 12.89 -4.44
C GLY D 175 -18.30 13.49 -5.32
N GLN D 176 -19.55 13.46 -4.86
CA GLN D 176 -20.64 14.06 -5.63
C GLN D 176 -21.08 15.40 -5.07
N LYS D 177 -20.23 16.06 -4.28
CA LYS D 177 -20.55 17.36 -3.70
C LYS D 177 -19.63 18.46 -4.23
N ASN D 178 -19.03 18.27 -5.41
CA ASN D 178 -18.19 19.28 -6.04
C ASN D 178 -16.99 19.66 -5.19
N ILE D 179 -16.50 18.72 -4.38
CA ILE D 179 -15.38 18.94 -3.48
C ILE D 179 -14.40 17.80 -3.69
N ARG D 180 -13.11 18.12 -3.78
CA ARG D 180 -12.08 17.10 -3.87
C ARG D 180 -11.10 17.30 -2.72
N CYS D 181 -10.46 16.19 -2.32
CA CYS D 181 -9.51 16.23 -1.22
C CYS D 181 -8.42 15.19 -1.49
N ASN D 182 -7.16 15.64 -1.50
CA ASN D 182 -6.04 14.73 -1.74
C ASN D 182 -4.91 15.07 -0.78
N ALA D 183 -3.98 14.12 -0.61
CA ALA D 183 -2.87 14.27 0.30
C ALA D 183 -1.57 14.20 -0.46
N VAL D 184 -0.59 14.97 -0.02
CA VAL D 184 0.74 14.98 -0.62
C VAL D 184 1.74 14.38 0.36
N GLY D 185 2.66 13.58 -0.16
CA GLY D 185 3.64 12.92 0.69
C GLY D 185 5.08 13.26 0.35
N PRO D 186 5.59 14.38 0.87
CA PRO D 186 7.00 14.71 0.63
C PRO D 186 7.94 13.79 1.40
N ALA D 187 9.11 13.56 0.79
CA ALA D 187 10.23 13.02 1.56
C ALA D 187 10.94 14.15 2.28
N TYR D 188 12.26 14.03 2.48
CA TYR D 188 12.96 15.03 3.26
C TYR D 188 13.31 16.22 2.37
N ILE D 189 13.00 17.42 2.85
CA ILE D 189 13.04 18.66 2.08
C ILE D 189 14.07 19.58 2.71
N GLU D 190 14.91 20.17 1.86
CA GLU D 190 15.94 21.11 2.32
C GLU D 190 15.27 22.35 2.89
N THR D 191 15.39 22.54 4.21
CA THR D 191 14.98 23.76 4.91
C THR D 191 15.99 24.02 6.03
N PRO D 192 15.93 25.18 6.69
CA PRO D 192 16.79 25.38 7.88
C PRO D 192 16.53 24.39 9.01
N LEU D 193 15.38 23.71 9.02
CA LEU D 193 15.13 22.69 10.03
C LEU D 193 16.20 21.60 10.01
N LEU D 194 16.78 21.32 8.85
CA LEU D 194 17.76 20.26 8.68
C LEU D 194 19.20 20.77 8.69
N GLU D 195 19.42 22.07 8.80
CA GLU D 195 20.78 22.61 8.77
C GLU D 195 21.55 22.35 10.06
N SER D 196 20.88 21.85 11.09
CA SER D 196 21.54 21.47 12.34
C SER D 196 22.24 20.11 12.25
N LEU D 197 21.94 19.32 11.24
CA LEU D 197 22.48 17.97 11.14
C LEU D 197 23.96 18.03 10.76
N THR D 198 24.71 17.03 11.23
CA THR D 198 26.11 16.91 10.85
C THR D 198 26.23 16.56 9.37
N LYS D 199 27.42 16.80 8.82
CA LYS D 199 27.80 16.25 7.53
C LYS D 199 27.38 14.79 7.42
N GLU D 200 27.75 14.00 8.43
CA GLU D 200 27.41 12.58 8.51
C GLU D 200 25.91 12.37 8.38
N MET D 201 25.12 13.10 9.19
CA MET D 201 23.68 12.87 9.24
C MET D 201 23.01 13.26 7.93
N LYS D 202 23.44 14.38 7.35
CA LYS D 202 22.86 14.83 6.08
C LYS D 202 23.15 13.83 4.97
N GLU D 203 24.38 13.33 4.88
CA GLU D 203 24.71 12.37 3.85
C GLU D 203 23.95 11.07 4.03
N ALA D 204 23.74 10.65 5.29
CA ALA D 204 22.97 9.44 5.54
C ALA D 204 21.52 9.61 5.11
N LEU D 205 20.95 10.79 5.35
CA LEU D 205 19.59 11.06 4.95
C LEU D 205 19.46 11.05 3.43
N ILE D 206 20.39 11.71 2.75
CA ILE D 206 20.37 11.74 1.28
C ILE D 206 20.51 10.33 0.72
N SER D 207 21.26 9.46 1.39
CA SER D 207 21.45 8.09 0.91
C SER D 207 20.14 7.30 0.85
N LYS D 208 19.12 7.69 1.62
CA LYS D 208 17.82 7.04 1.59
C LYS D 208 16.93 7.55 0.47
N HIS D 209 17.38 8.51 -0.32
CA HIS D 209 16.62 8.99 -1.47
C HIS D 209 17.32 8.55 -2.76
N PRO D 210 16.70 7.68 -3.57
CA PRO D 210 17.34 7.26 -4.83
C PRO D 210 17.74 8.40 -5.75
N MET D 211 17.07 9.55 -5.69
CA MET D 211 17.47 10.67 -6.54
C MET D 211 18.75 11.34 -6.06
N GLY D 212 19.28 10.94 -4.91
CA GLY D 212 20.61 11.38 -4.53
C GLY D 212 20.69 12.79 -4.02
N ARG D 213 19.58 13.33 -3.52
CA ARG D 213 19.52 14.69 -3.00
C ARG D 213 18.22 14.79 -2.21
N LEU D 214 18.11 15.85 -1.42
CA LEU D 214 16.85 16.19 -0.78
C LEU D 214 15.98 16.99 -1.74
N GLY D 215 14.67 17.01 -1.45
CA GLY D 215 13.77 17.80 -2.24
C GLY D 215 13.82 19.28 -1.86
N LYS D 216 13.22 20.11 -2.73
CA LYS D 216 13.14 21.53 -2.47
C LYS D 216 11.69 21.92 -2.22
N PRO D 217 11.43 22.93 -1.38
CA PRO D 217 10.02 23.26 -1.08
C PRO D 217 9.20 23.57 -2.32
N GLU D 218 9.79 24.26 -3.30
CA GLU D 218 9.08 24.57 -4.55
C GLU D 218 8.65 23.32 -5.29
N GLU D 219 9.41 22.23 -5.14
CA GLU D 219 9.04 20.98 -5.81
C GLU D 219 7.82 20.36 -5.18
N VAL D 220 7.67 20.50 -3.86
CA VAL D 220 6.44 20.08 -3.20
C VAL D 220 5.29 20.97 -3.62
N ALA D 221 5.54 22.28 -3.70
CA ALA D 221 4.47 23.21 -4.03
C ALA D 221 3.92 22.98 -5.44
N GLU D 222 4.76 22.54 -6.38
CA GLU D 222 4.23 22.27 -7.73
C GLU D 222 3.18 21.18 -7.70
N LEU D 223 3.37 20.16 -6.86
CA LEU D 223 2.37 19.09 -6.79
C LEU D 223 1.12 19.57 -6.07
N VAL D 224 1.29 20.38 -5.01
CA VAL D 224 0.13 20.96 -4.33
C VAL D 224 -0.66 21.81 -5.30
N LEU D 225 0.03 22.61 -6.11
CA LEU D 225 -0.64 23.46 -7.10
C LEU D 225 -1.46 22.63 -8.07
N PHE D 226 -0.86 21.57 -8.62
CA PHE D 226 -1.56 20.71 -9.57
C PHE D 226 -2.83 20.14 -8.94
N LEU D 227 -2.72 19.63 -7.71
CA LEU D 227 -3.83 19.00 -7.02
C LEU D 227 -4.88 20.01 -6.57
N SER D 228 -4.53 21.30 -6.52
CA SER D 228 -5.48 22.36 -6.16
C SER D 228 -6.18 22.96 -7.36
N SER D 229 -5.74 22.65 -8.57
CA SER D 229 -6.25 23.23 -9.81
C SER D 229 -7.28 22.31 -10.46
N GLU D 230 -7.95 22.84 -11.49
CA GLU D 230 -8.92 22.05 -12.24
C GLU D 230 -8.25 20.96 -13.08
N LYS D 231 -6.93 21.00 -13.24
CA LYS D 231 -6.25 19.97 -14.03
C LYS D 231 -6.37 18.60 -13.37
N SER D 232 -6.52 18.57 -12.05
CA SER D 232 -6.66 17.33 -11.31
C SER D 232 -8.13 16.92 -11.10
N SER D 233 -9.00 17.24 -12.06
CA SER D 233 -10.43 17.18 -11.83
C SER D 233 -10.97 15.77 -11.56
N PHE D 234 -10.28 14.69 -11.94
CA PHE D 234 -10.78 13.36 -11.63
C PHE D 234 -9.96 12.69 -10.53
N MET D 235 -9.25 13.48 -9.73
CA MET D 235 -8.39 12.96 -8.67
C MET D 235 -8.97 13.34 -7.33
N THR D 236 -9.37 12.35 -6.53
CA THR D 236 -9.81 12.64 -5.18
C THR D 236 -9.55 11.43 -4.28
N GLY D 237 -9.41 11.72 -2.98
CA GLY D 237 -9.16 10.71 -1.98
C GLY D 237 -7.77 10.10 -2.04
N GLY D 238 -6.89 10.63 -2.89
CA GLY D 238 -5.63 9.99 -3.17
C GLY D 238 -4.46 10.55 -2.41
N TYR D 239 -3.40 9.74 -2.35
CA TYR D 239 -2.14 10.07 -1.72
C TYR D 239 -1.07 10.14 -2.82
N TYR D 240 -0.32 11.23 -2.86
CA TYR D 240 0.56 11.54 -3.97
C TYR D 240 1.96 11.86 -3.45
N LEU D 241 2.90 10.96 -3.77
CA LEU D 241 4.28 11.11 -3.32
C LEU D 241 5.03 12.20 -4.06
N VAL D 242 5.87 12.94 -3.34
CA VAL D 242 6.92 13.74 -3.96
C VAL D 242 8.18 13.45 -3.15
N ASP D 243 8.81 12.30 -3.46
CA ASP D 243 9.71 11.67 -2.51
C ASP D 243 11.09 11.28 -3.05
N GLY D 244 11.44 11.67 -4.28
CA GLY D 244 12.75 11.32 -4.79
C GLY D 244 13.01 9.83 -4.86
N GLY D 245 11.96 9.01 -4.84
CA GLY D 245 12.12 7.57 -4.86
C GLY D 245 12.17 6.90 -3.49
N TYR D 246 12.04 7.66 -2.41
CA TYR D 246 12.27 7.12 -1.06
C TYR D 246 11.46 5.85 -0.79
N THR D 247 10.17 5.86 -1.14
CA THR D 247 9.31 4.71 -0.83
C THR D 247 9.27 3.69 -1.95
N ALA D 248 10.01 3.89 -3.04
CA ALA D 248 10.04 2.89 -4.09
C ALA D 248 10.83 1.66 -3.68
N VAL D 249 11.69 1.78 -2.68
CA VAL D 249 12.55 0.69 -2.23
C VAL D 249 12.19 0.23 -0.82
PA NAD E . -8.13 2.82 -26.45
O1A NAD E . -8.59 1.46 -26.83
O2A NAD E . -9.07 3.96 -26.61
O5B NAD E . -6.77 3.13 -27.22
C5B NAD E . -5.66 2.19 -27.06
C4B NAD E . -4.77 2.29 -28.27
O4B NAD E . -3.70 1.30 -28.16
C3B NAD E . -5.44 2.02 -29.62
O3B NAD E . -5.10 3.06 -30.54
C2B NAD E . -4.83 0.69 -30.06
O2B NAD E . -4.83 0.50 -31.46
C1B NAD E . -3.45 0.81 -29.44
N9A NAD E . -2.72 -0.45 -29.34
C8A NAD E . -3.21 -1.66 -28.91
N7A NAD E . -2.31 -2.62 -28.92
C5A NAD E . -1.15 -2.00 -29.37
C6A NAD E . 0.15 -2.47 -29.60
N6A NAD E . 0.52 -3.73 -29.40
N1A NAD E . 1.07 -1.58 -30.08
C2A NAD E . 0.68 -0.32 -30.28
N3A NAD E . -0.51 0.24 -30.10
C4A NAD E . -1.40 -0.66 -29.64
O3 NAD E . -7.61 2.79 -24.93
PN NAD E . -7.54 3.87 -23.74
O1N NAD E . -8.88 3.97 -23.08
O2N NAD E . -6.94 5.13 -24.26
O5D NAD E . -6.51 3.18 -22.73
C5D NAD E . -5.08 3.33 -22.99
C4D NAD E . -4.31 2.79 -21.82
O4D NAD E . -4.98 3.20 -20.62
C3D NAD E . -4.19 1.26 -21.73
O3D NAD E . -2.93 0.90 -21.18
C2D NAD E . -5.30 0.94 -20.74
O2D NAD E . -5.14 -0.33 -20.11
C1D NAD E . -5.15 2.09 -19.75
N1N NAD E . -6.40 2.31 -18.95
C2N NAD E . -7.58 2.61 -19.57
C3N NAD E . -8.75 2.68 -18.84
C7N NAD E . -10.07 2.91 -19.54
O7N NAD E . -10.07 3.26 -20.71
N7N NAD E . -11.17 2.70 -18.83
C4N NAD E . -8.69 2.54 -17.45
C5N NAD E . -7.47 2.36 -16.84
C6N NAD E . -6.34 2.22 -17.60
PA NAD F . -17.02 -5.09 20.87
O1A NAD F . -17.82 -3.85 21.15
O2A NAD F . -17.75 -6.35 20.53
O5B NAD F . -16.05 -5.33 22.10
C5B NAD F . -15.18 -4.22 22.41
C4B NAD F . -14.99 -4.14 23.90
O4B NAD F . -14.16 -3.00 24.21
C3B NAD F . -16.27 -3.95 24.75
O3B NAD F . -16.31 -4.97 25.74
C2B NAD F . -16.08 -2.57 25.40
O2B NAD F . -16.68 -2.48 26.67
C1B NAD F . -14.55 -2.53 25.46
N9A NAD F . -13.95 -1.22 25.65
C8A NAD F . -14.24 -0.03 25.04
N7A NAD F . -13.46 0.96 25.41
C5A NAD F . -12.58 0.37 26.33
C6A NAD F . -11.51 0.88 27.07
N6A NAD F . -11.10 2.14 27.01
N1A NAD F . -10.83 0.01 27.87
C2A NAD F . -11.24 -1.27 27.92
N3A NAD F . -12.23 -1.85 27.27
C4A NAD F . -12.87 -0.97 26.47
O3 NAD F . -15.95 -4.75 19.73
PN NAD F . -15.39 -5.56 18.47
O1N NAD F . -16.38 -5.47 17.35
O2N NAD F . -14.98 -6.92 18.89
O5D NAD F . -14.09 -4.71 18.10
C5D NAD F . -12.82 -4.95 18.76
C4D NAD F . -11.74 -4.27 17.97
O4D NAD F . -11.86 -4.71 16.60
C3D NAD F . -11.85 -2.72 17.91
O3D NAD F . -10.57 -2.12 17.95
C2D NAD F . -12.54 -2.54 16.55
O2D NAD F . -12.43 -1.24 16.01
C1D NAD F . -11.84 -3.61 15.71
N1N NAD F . -12.61 -3.97 14.49
C2N NAD F . -13.87 -4.53 14.59
C3N NAD F . -14.63 -4.74 13.44
C7N NAD F . -16.04 -5.28 13.56
O7N NAD F . -16.42 -5.71 14.65
N7N NAD F . -16.81 -5.24 12.49
C4N NAD F . -14.09 -4.44 12.19
C5N NAD F . -12.79 -3.99 12.11
C6N NAD F . -12.06 -3.77 13.27
PA NAD G . 8.32 24.56 8.60
O1A NAD G . 8.63 24.38 10.05
O2A NAD G . 9.40 25.05 7.68
O5B NAD G . 7.04 25.51 8.47
C5B NAD G . 5.85 25.06 9.16
C4B NAD G . 5.06 26.27 9.61
O4B NAD G . 3.98 25.83 10.46
C3B NAD G . 5.85 27.32 10.43
O3B NAD G . 5.70 28.60 9.84
C2B NAD G . 5.20 27.24 11.81
O2B NAD G . 5.24 28.45 12.54
C1B NAD G . 3.78 26.82 11.44
N9A NAD G . 3.01 26.22 12.54
C8A NAD G . 3.46 25.36 13.49
N7A NAD G . 2.53 24.98 14.33
C5A NAD G . 1.39 25.64 13.89
C6A NAD G . 0.07 25.65 14.37
N6A NAD G . -0.34 24.95 15.42
N1A NAD G . -0.83 26.41 13.70
C2A NAD G . -0.41 27.11 12.64
N3A NAD G . 0.81 27.18 12.10
C4A NAD G . 1.67 26.41 12.78
O3 NAD G . 7.73 23.19 8.03
PN NAD G . 7.98 22.33 6.70
O1N NAD G . 9.26 21.56 6.86
O2N NAD G . 7.83 23.19 5.50
O5D NAD G . 6.75 21.31 6.77
C5D NAD G . 5.41 21.77 6.44
C4D NAD G . 4.52 20.55 6.36
O4D NAD G . 5.18 19.59 5.52
C3D NAD G . 4.26 19.82 7.69
O3D NAD G . 2.96 19.25 7.71
C2D NAD G . 5.36 18.75 7.64
O2D NAD G . 5.15 17.69 8.55
C1D NAD G . 5.27 18.34 6.18
N1N NAD G . 6.51 17.64 5.71
C2N NAD G . 7.73 18.30 5.68
C3N NAD G . 8.89 17.60 5.36
C7N NAD G . 10.23 18.28 5.45
O7N NAD G . 10.28 19.49 5.64
N7N NAD G . 11.32 17.52 5.34
C4N NAD G . 8.78 16.27 4.95
C5N NAD G . 7.56 15.67 4.88
C6N NAD G . 6.43 16.37 5.26
#